data_4MA3
#
_entry.id   4MA3
#
_cell.length_a   193.350
_cell.length_b   79.440
_cell.length_c   65.410
_cell.angle_alpha   90.00
_cell.angle_beta   104.04
_cell.angle_gamma   90.00
#
_symmetry.space_group_name_H-M   'C 1 2 1'
#
loop_
_entity.id
_entity.type
_entity.pdbx_description
1 polymer 'C2095 light chain'
2 polymer 'C2095 heavy chain'
3 non-polymer 'ACETATE ION'
4 non-polymer 'SULFATE ION'
5 water water
#
loop_
_entity_poly.entity_id
_entity_poly.type
_entity_poly.pdbx_seq_one_letter_code
_entity_poly.pdbx_strand_id
1 'polypeptide(L)'
;(PCA)VLTQTPSSVSAAVGGTVTINCQASQSVYNKNYLAWYQQKPGQPPKRLIYSASTLASGVSSRFKGSGSGTQFTLTI
SDVQCDDVATYYCLGSYDCNRAECHAFGGGTKVVVEVRTVAAPSVFIFPPSDEQLKSGTASVVCLLNNFYPREAKVQWKV
DNALQSGNSQESVTEQDSKDSTYSLSSTLTLSKADYEKHKVYACEVTHQGLSSPVTKSFNRGEC
;
L,A
2 'polypeptide(L)'
;(PCA)SVEESGGRLVTPGTPLTLTCTVSGFSLSSYPMNWVRQAPGKGLEWIGGIGTSGNIWYASWAKGRFIISRASSTTV
DLKVTSPTTEDTATYFCARGLYNDYTVWGPGTLVTVSSASTKGPSVFPLAPSSKSTSGGTAALGCLVKDYFPEPVTVSWN
SGALTSGVHTFPAVLQSSGLYSLSSVVTVPSSSLGTQTYICNVNHKPSNTKVDKKVEPKSCHHHHHH
;
H,B
#
loop_
_chem_comp.id
_chem_comp.type
_chem_comp.name
_chem_comp.formula
ACT non-polymer 'ACETATE ION' 'C2 H3 O2 -1'
SO4 non-polymer 'SULFATE ION' 'O4 S -2'
#
# COMPACT_ATOMS: atom_id res chain seq x y z
N PCA A 1 -4.84 -10.65 18.86
CA PCA A 1 -5.81 -10.93 17.81
CB PCA A 1 -7.23 -10.91 18.39
CG PCA A 1 -7.05 -11.22 19.87
CD PCA A 1 -5.57 -10.96 20.07
OE PCA A 1 -5.05 -11.01 21.19
C PCA A 1 -5.71 -9.91 16.69
O PCA A 1 -5.60 -8.70 16.95
N VAL A 2 -5.73 -10.39 15.46
CA VAL A 2 -5.71 -9.55 14.27
C VAL A 2 -6.96 -9.81 13.46
N LEU A 3 -7.67 -8.73 13.11
CA LEU A 3 -8.86 -8.79 12.28
C LEU A 3 -8.54 -8.29 10.88
N THR A 4 -8.88 -9.10 9.88
CA THR A 4 -8.60 -8.78 8.48
C THR A 4 -9.91 -8.56 7.74
N GLN A 5 -10.04 -7.37 7.14
CA GLN A 5 -11.23 -7.06 6.35
C GLN A 5 -10.96 -7.18 4.87
N THR A 6 -11.87 -7.84 4.17
CA THR A 6 -11.82 -7.90 2.71
C THR A 6 -13.20 -7.62 2.10
N PRO A 7 -13.24 -6.89 0.97
CA PRO A 7 -12.06 -6.25 0.38
C PRO A 7 -11.75 -4.97 1.16
N SER A 8 -10.66 -4.28 0.83
CA SER A 8 -10.36 -3.03 1.53
C SER A 8 -11.11 -1.83 0.93
N SER A 9 -11.64 -2.04 -0.28
CA SER A 9 -12.49 -1.05 -0.94
C SER A 9 -13.56 -1.74 -1.76
N VAL A 10 -14.77 -1.19 -1.75
CA VAL A 10 -15.90 -1.80 -2.44
C VAL A 10 -16.84 -0.74 -3.06
N SER A 11 -17.41 -1.09 -4.21
CA SER A 11 -18.33 -0.22 -4.95
C SER A 11 -19.70 -0.85 -5.18
N ALA A 12 -20.73 -0.03 -5.06
CA ALA A 12 -22.08 -0.48 -5.34
C ALA A 12 -22.83 0.65 -6.01
N ALA A 13 -23.69 0.31 -6.94
CA ALA A 13 -24.65 1.25 -7.48
C ALA A 13 -25.67 1.56 -6.39
N VAL A 14 -26.25 2.76 -6.44
CA VAL A 14 -27.41 3.10 -5.62
C VAL A 14 -28.47 2.04 -5.85
N GLY A 15 -29.01 1.49 -4.76
CA GLY A 15 -30.01 0.43 -4.86
C GLY A 15 -29.40 -0.96 -4.82
N GLY A 16 -28.07 -1.02 -4.95
CA GLY A 16 -27.35 -2.30 -4.96
C GLY A 16 -27.04 -2.82 -3.57
N THR A 17 -26.21 -3.85 -3.52
CA THR A 17 -25.82 -4.53 -2.27
C THR A 17 -24.30 -4.61 -2.19
N VAL A 18 -23.74 -4.27 -1.02
CA VAL A 18 -22.34 -4.59 -0.75
C VAL A 18 -22.17 -5.55 0.43
N THR A 19 -21.12 -6.35 0.36
CA THR A 19 -20.79 -7.28 1.44
C THR A 19 -19.33 -7.10 1.84
N ILE A 20 -19.12 -6.92 3.14
CA ILE A 20 -17.79 -6.76 3.73
C ILE A 20 -17.52 -7.92 4.66
N ASN A 21 -16.38 -8.56 4.48
CA ASN A 21 -15.96 -9.72 5.28
C ASN A 21 -14.96 -9.31 6.35
N CYS A 22 -15.09 -9.90 7.52
CA CYS A 22 -14.14 -9.72 8.60
C CYS A 22 -13.70 -11.10 9.05
N GLN A 23 -12.40 -11.34 9.03
CA GLN A 23 -11.85 -12.60 9.53
C GLN A 23 -10.93 -12.32 10.71
N ALA A 24 -11.22 -12.97 11.84
CA ALA A 24 -10.39 -12.81 13.04
C ALA A 24 -9.39 -13.96 13.13
N SER A 25 -8.20 -13.70 13.65
CA SER A 25 -7.16 -14.72 13.80
C SER A 25 -7.53 -15.70 14.92
N GLN A 26 -8.34 -15.23 15.87
CA GLN A 26 -8.89 -16.10 16.92
C GLN A 26 -10.33 -15.70 17.26
N SER A 27 -11.11 -16.65 17.77
CA SER A 27 -12.54 -16.43 17.98
C SER A 27 -12.81 -15.37 19.05
N VAL A 28 -13.74 -14.47 18.75
CA VAL A 28 -14.12 -13.41 19.67
C VAL A 28 -14.82 -14.01 20.90
N TYR A 29 -14.92 -13.21 21.95
CA TYR A 29 -15.55 -13.62 23.19
C TYR A 29 -17.01 -14.04 22.93
N ASN A 30 -17.39 -15.17 23.52
CA ASN A 30 -18.74 -15.73 23.41
C ASN A 30 -19.11 -16.06 21.95
N LYS A 31 -18.09 -16.09 21.09
CA LYS A 31 -18.21 -16.32 19.64
C LYS A 31 -18.96 -15.25 18.86
N ASN A 32 -19.45 -14.21 19.55
CA ASN A 32 -20.21 -13.15 18.87
C ASN A 32 -19.93 -11.71 19.29
N TYR A 33 -18.89 -11.49 20.11
CA TYR A 33 -18.49 -10.14 20.48
C TYR A 33 -17.78 -9.46 19.31
N LEU A 34 -18.57 -9.14 18.29
CA LEU A 34 -18.08 -8.49 17.09
C LEU A 34 -19.02 -7.32 16.83
N ALA A 35 -18.44 -6.13 16.67
CA ALA A 35 -19.22 -4.92 16.38
C ALA A 35 -18.80 -4.35 15.03
N TRP A 36 -19.70 -3.62 14.40
CA TRP A 36 -19.38 -2.91 13.16
C TRP A 36 -19.54 -1.41 13.38
N TYR A 37 -18.55 -0.65 12.91
CA TYR A 37 -18.55 0.80 12.98
C TYR A 37 -18.56 1.40 11.59
N GLN A 38 -19.20 2.56 11.48
CA GLN A 38 -19.26 3.33 10.25
C GLN A 38 -18.57 4.66 10.53
N GLN A 39 -17.63 5.05 9.66
CA GLN A 39 -17.00 6.34 9.84
C GLN A 39 -17.09 7.21 8.59
N LYS A 40 -17.83 8.30 8.72
CA LYS A 40 -17.92 9.32 7.66
C LYS A 40 -16.80 10.36 7.87
N PRO A 41 -16.28 10.93 6.78
CA PRO A 41 -15.14 11.85 6.88
C PRO A 41 -15.39 12.99 7.86
N GLY A 42 -14.41 13.24 8.73
CA GLY A 42 -14.45 14.36 9.68
C GLY A 42 -15.10 14.00 11.01
N GLN A 43 -15.69 12.82 11.08
CA GLN A 43 -16.53 12.42 12.20
C GLN A 43 -15.90 11.30 13.02
N PRO A 44 -16.27 11.21 14.31
CA PRO A 44 -15.98 10.02 15.06
C PRO A 44 -16.77 8.83 14.48
N PRO A 45 -16.28 7.61 14.68
CA PRO A 45 -16.96 6.39 14.20
C PRO A 45 -18.29 6.18 14.93
N LYS A 46 -19.29 5.71 14.20
CA LYS A 46 -20.61 5.42 14.74
C LYS A 46 -20.80 3.91 14.82
N ARG A 47 -21.20 3.43 16.00
CA ARG A 47 -21.45 2.01 16.22
C ARG A 47 -22.78 1.64 15.55
N LEU A 48 -22.74 0.70 14.61
CA LEU A 48 -23.95 0.28 13.89
C LEU A 48 -24.53 -1.03 14.40
N ILE A 49 -23.65 -1.99 14.67
CA ILE A 49 -24.01 -3.36 15.02
C ILE A 49 -23.12 -3.88 16.16
N TYR A 50 -23.71 -4.64 17.08
CA TYR A 50 -22.94 -5.42 18.06
C TYR A 50 -23.56 -6.80 18.23
N SER A 51 -22.90 -7.66 19.02
CA SER A 51 -23.27 -9.08 19.12
C SER A 51 -23.38 -9.74 17.76
N ALA A 52 -22.52 -9.31 16.83
CA ALA A 52 -22.50 -9.81 15.44
C ALA A 52 -23.69 -9.40 14.56
N SER A 53 -24.89 -9.35 15.14
CA SER A 53 -26.11 -9.17 14.33
C SER A 53 -27.16 -8.20 14.89
N THR A 54 -26.93 -7.70 16.09
CA THR A 54 -27.91 -6.82 16.72
C THR A 54 -27.68 -5.36 16.31
N LEU A 55 -28.71 -4.71 15.77
CA LEU A 55 -28.59 -3.30 15.37
C LEU A 55 -28.54 -2.38 16.57
N ALA A 56 -27.65 -1.39 16.53
CA ALA A 56 -27.66 -0.33 17.53
C ALA A 56 -28.92 0.52 17.35
N SER A 57 -29.33 1.22 18.41
CA SER A 57 -30.55 2.01 18.38
C SER A 57 -30.55 3.05 17.26
N GLY A 58 -31.64 3.08 16.49
CA GLY A 58 -31.80 4.08 15.42
C GLY A 58 -31.19 3.71 14.08
N VAL A 59 -30.34 2.69 14.05
CA VAL A 59 -29.67 2.26 12.81
C VAL A 59 -30.63 1.58 11.83
N SER A 60 -30.49 1.91 10.55
CA SER A 60 -31.29 1.33 9.47
C SER A 60 -31.20 -0.19 9.40
N SER A 61 -32.34 -0.83 9.13
CA SER A 61 -32.41 -2.27 8.89
C SER A 61 -31.80 -2.72 7.56
N ARG A 62 -31.35 -1.76 6.76
CA ARG A 62 -30.56 -2.04 5.54
C ARG A 62 -29.18 -2.63 5.86
N PHE A 63 -28.72 -2.41 7.10
CA PHE A 63 -27.48 -3.00 7.58
C PHE A 63 -27.74 -4.32 8.25
N LYS A 64 -27.06 -5.37 7.79
CA LYS A 64 -27.23 -6.70 8.36
C LYS A 64 -25.89 -7.34 8.69
N GLY A 65 -25.70 -7.68 9.95
CA GLY A 65 -24.49 -8.39 10.36
C GLY A 65 -24.77 -9.86 10.55
N SER A 66 -23.78 -10.69 10.27
CA SER A 66 -23.91 -12.12 10.51
C SER A 66 -22.56 -12.78 10.72
N GLY A 67 -22.58 -14.05 11.10
CA GLY A 67 -21.38 -14.81 11.32
C GLY A 67 -21.16 -15.12 12.80
N SER A 68 -20.06 -15.81 13.06
CA SER A 68 -19.80 -16.39 14.37
C SER A 68 -18.34 -16.83 14.44
N GLY A 69 -17.75 -16.76 15.63
CA GLY A 69 -16.42 -17.31 15.88
C GLY A 69 -15.34 -16.42 15.33
N THR A 70 -14.87 -16.73 14.12
CA THR A 70 -13.80 -15.96 13.47
C THR A 70 -14.23 -15.34 12.15
N GLN A 71 -15.43 -15.67 11.67
CA GLN A 71 -15.85 -15.29 10.34
C GLN A 71 -17.14 -14.47 10.36
N PHE A 72 -17.05 -13.24 9.89
CA PHE A 72 -18.17 -12.30 10.02
C PHE A 72 -18.39 -11.51 8.73
N THR A 73 -19.62 -11.06 8.53
CA THR A 73 -19.99 -10.31 7.35
C THR A 73 -20.89 -9.15 7.71
N LEU A 74 -20.68 -8.03 7.03
CA LEU A 74 -21.62 -6.93 7.03
C LEU A 74 -22.19 -6.79 5.63
N THR A 75 -23.52 -6.85 5.54
CA THR A 75 -24.22 -6.65 4.28
C THR A 75 -25.03 -5.35 4.33
N ILE A 76 -24.78 -4.47 3.37
CA ILE A 76 -25.59 -3.27 3.22
C ILE A 76 -26.49 -3.46 1.99
N SER A 77 -27.80 -3.56 2.23
CA SER A 77 -28.78 -3.70 1.14
C SER A 77 -29.28 -2.33 0.73
N ASP A 78 -29.79 -2.26 -0.50
CA ASP A 78 -30.42 -1.06 -1.06
C ASP A 78 -29.53 0.16 -0.82
N VAL A 79 -28.27 0.06 -1.25
CA VAL A 79 -27.25 1.08 -0.99
C VAL A 79 -27.72 2.50 -1.33
N GLN A 80 -27.54 3.42 -0.38
CA GLN A 80 -27.91 4.81 -0.58
C GLN A 80 -26.66 5.70 -0.59
N CYS A 81 -26.80 6.91 -1.13
CA CYS A 81 -25.67 7.85 -1.23
C CYS A 81 -25.01 8.16 0.11
N ASP A 82 -25.79 8.15 1.19
CA ASP A 82 -25.23 8.44 2.52
C ASP A 82 -24.54 7.24 3.19
N ASP A 83 -24.47 6.11 2.50
CA ASP A 83 -23.71 4.96 3.00
C ASP A 83 -22.20 5.09 2.76
N VAL A 84 -21.81 6.09 1.97
CA VAL A 84 -20.40 6.40 1.72
C VAL A 84 -19.67 6.67 3.03
N ALA A 85 -18.68 5.81 3.31
CA ALA A 85 -17.99 5.80 4.60
C ALA A 85 -16.91 4.74 4.57
N THR A 86 -16.11 4.71 5.63
CA THR A 86 -15.24 3.58 5.89
C THR A 86 -15.84 2.75 7.01
N TYR A 87 -15.89 1.44 6.82
CA TYR A 87 -16.48 0.52 7.80
C TYR A 87 -15.40 -0.31 8.48
N TYR A 88 -15.49 -0.42 9.80
CA TYR A 88 -14.53 -1.16 10.60
C TYR A 88 -15.23 -2.24 11.42
N CYS A 89 -14.69 -3.45 11.40
CA CYS A 89 -15.11 -4.44 12.40
C CYS A 89 -14.29 -4.24 13.68
N LEU A 90 -14.91 -4.58 14.80
CA LEU A 90 -14.27 -4.51 16.11
C LEU A 90 -14.55 -5.80 16.85
N GLY A 91 -13.48 -6.53 17.12
CA GLY A 91 -13.58 -7.79 17.87
C GLY A 91 -13.19 -7.54 19.32
N SER A 92 -13.91 -8.18 20.24
CA SER A 92 -13.61 -8.06 21.67
C SER A 92 -13.32 -9.43 22.26
N TYR A 93 -12.43 -9.46 23.25
CA TYR A 93 -11.87 -10.70 23.80
C TYR A 93 -11.83 -10.67 25.32
N ASP A 94 -11.67 -11.86 25.91
CA ASP A 94 -11.35 -11.98 27.33
C ASP A 94 -9.99 -11.31 27.54
N CYS A 95 -9.98 -10.21 28.29
CA CYS A 95 -8.76 -9.44 28.55
C CYS A 95 -7.63 -10.25 29.18
N ASN A 96 -7.97 -11.35 29.86
CA ASN A 96 -6.97 -12.19 30.49
C ASN A 96 -6.33 -13.20 29.54
N ARG A 97 -6.99 -13.43 28.41
CA ARG A 97 -6.54 -14.42 27.43
C ARG A 97 -5.95 -13.80 26.17
N ALA A 98 -6.31 -12.55 25.88
CA ALA A 98 -5.91 -11.89 24.63
C ALA A 98 -6.04 -10.36 24.71
N GLU A 99 -5.72 -9.67 23.60
CA GLU A 99 -5.97 -8.23 23.50
C GLU A 99 -7.45 -7.97 23.73
N CYS A 100 -7.82 -7.02 24.58
CA CYS A 100 -9.23 -6.76 24.92
C CYS A 100 -10.09 -6.46 23.70
N HIS A 101 -9.54 -5.66 22.77
CA HIS A 101 -10.23 -5.19 21.58
C HIS A 101 -9.23 -5.12 20.43
N ALA A 102 -9.72 -5.32 19.22
CA ALA A 102 -8.92 -5.17 18.00
C ALA A 102 -9.83 -4.75 16.86
N PHE A 103 -9.48 -3.63 16.21
CA PHE A 103 -10.21 -3.20 15.02
C PHE A 103 -9.63 -3.87 13.77
N GLY A 104 -10.51 -4.24 12.85
CA GLY A 104 -10.09 -4.52 11.48
C GLY A 104 -9.54 -3.28 10.80
N GLY A 105 -8.89 -3.48 9.64
CA GLY A 105 -8.22 -2.40 8.92
C GLY A 105 -9.12 -1.42 8.17
N GLY A 106 -10.42 -1.72 8.08
CA GLY A 106 -11.36 -0.82 7.42
C GLY A 106 -11.63 -1.17 5.98
N THR A 107 -12.87 -0.93 5.56
CA THR A 107 -13.29 -1.10 4.17
C THR A 107 -14.00 0.17 3.73
N LYS A 108 -13.44 0.82 2.71
CA LYS A 108 -14.03 2.03 2.15
C LYS A 108 -15.16 1.65 1.19
N VAL A 109 -16.34 2.23 1.42
CA VAL A 109 -17.48 2.00 0.52
C VAL A 109 -17.68 3.22 -0.37
N VAL A 110 -17.67 2.94 -1.67
CA VAL A 110 -17.84 3.95 -2.71
C VAL A 110 -19.16 3.67 -3.42
N VAL A 111 -19.91 4.73 -3.74
CA VAL A 111 -21.13 4.57 -4.51
C VAL A 111 -20.82 4.80 -5.99
N GLU A 112 -21.24 3.87 -6.84
CA GLU A 112 -21.06 4.02 -8.28
C GLU A 112 -22.35 4.44 -8.99
N VAL A 113 -22.19 5.26 -10.03
CA VAL A 113 -23.30 5.66 -10.88
C VAL A 113 -23.02 5.21 -12.31
N ARG A 114 -24.05 4.74 -13.00
CA ARG A 114 -23.94 4.30 -14.39
C ARG A 114 -23.50 5.43 -15.31
N THR A 115 -24.00 6.63 -15.04
CA THR A 115 -23.75 7.82 -15.87
C THR A 115 -22.63 8.68 -15.29
N VAL A 116 -21.82 9.26 -16.17
CA VAL A 116 -20.74 10.17 -15.77
C VAL A 116 -21.26 11.60 -15.61
N ALA A 117 -20.52 12.40 -14.83
CA ALA A 117 -20.80 13.83 -14.68
C ALA A 117 -19.54 14.63 -14.98
N ALA A 118 -19.62 15.54 -15.95
CA ALA A 118 -18.49 16.42 -16.30
C ALA A 118 -18.24 17.46 -15.21
N PRO A 119 -16.96 17.79 -14.94
CA PRO A 119 -16.70 18.86 -13.98
C PRO A 119 -16.99 20.25 -14.56
N SER A 120 -17.43 21.18 -13.71
CA SER A 120 -17.40 22.59 -14.06
C SER A 120 -16.02 23.07 -13.68
N VAL A 121 -15.39 23.84 -14.57
CA VAL A 121 -13.99 24.23 -14.38
C VAL A 121 -13.88 25.74 -14.17
N PHE A 122 -13.12 26.12 -13.15
CA PHE A 122 -12.92 27.53 -12.80
C PHE A 122 -11.44 27.78 -12.57
N ILE A 123 -10.95 28.93 -13.01
CA ILE A 123 -9.56 29.31 -12.76
C ILE A 123 -9.48 30.63 -11.98
N PHE A 124 -8.55 30.70 -11.04
CA PHE A 124 -8.38 31.89 -10.21
C PHE A 124 -6.94 32.41 -10.30
N PRO A 125 -6.77 33.65 -10.76
CA PRO A 125 -5.45 34.27 -10.75
C PRO A 125 -4.99 34.54 -9.31
N PRO A 126 -3.68 34.76 -9.11
CA PRO A 126 -3.23 35.14 -7.76
C PRO A 126 -3.79 36.49 -7.35
N SER A 127 -4.06 36.65 -6.05
CA SER A 127 -4.53 37.93 -5.52
C SER A 127 -3.41 38.96 -5.55
N ASP A 128 -3.78 40.24 -5.61
CA ASP A 128 -2.79 41.32 -5.52
C ASP A 128 -2.08 41.27 -4.18
N GLU A 129 -2.82 40.87 -3.13
CA GLU A 129 -2.29 40.75 -1.78
C GLU A 129 -1.13 39.75 -1.72
N GLN A 130 -1.30 38.59 -2.34
CA GLN A 130 -0.25 37.58 -2.37
C GLN A 130 0.97 38.04 -3.18
N LEU A 131 0.71 38.71 -4.31
CA LEU A 131 1.77 39.20 -5.18
C LEU A 131 2.71 40.17 -4.46
N LYS A 132 2.14 40.93 -3.52
CA LYS A 132 2.89 41.81 -2.62
C LYS A 132 3.93 41.03 -1.81
N SER A 133 3.60 39.78 -1.46
CA SER A 133 4.46 38.90 -0.64
C SER A 133 5.59 38.20 -1.42
N GLY A 134 5.55 38.26 -2.75
CA GLY A 134 6.61 37.70 -3.58
C GLY A 134 6.36 36.32 -4.17
N THR A 135 5.16 35.78 -3.92
CA THR A 135 4.76 34.48 -4.45
C THR A 135 3.45 34.62 -5.23
N ALA A 136 3.25 33.74 -6.20
CA ALA A 136 2.00 33.70 -6.97
C ALA A 136 1.42 32.30 -7.00
N SER A 137 0.20 32.15 -6.48
CA SER A 137 -0.54 30.89 -6.54
C SER A 137 -1.72 31.01 -7.48
N VAL A 138 -1.76 30.14 -8.49
CA VAL A 138 -2.87 30.06 -9.43
C VAL A 138 -3.66 28.79 -9.09
N VAL A 139 -4.98 28.90 -9.01
CA VAL A 139 -5.83 27.79 -8.59
C VAL A 139 -6.83 27.40 -9.69
N CYS A 140 -6.92 26.10 -9.95
CA CYS A 140 -7.90 25.53 -10.88
C CYS A 140 -8.85 24.62 -10.09
N LEU A 141 -10.15 24.88 -10.23
CA LEU A 141 -11.19 24.12 -9.53
C LEU A 141 -11.99 23.26 -10.50
N LEU A 142 -12.13 21.98 -10.17
CA LEU A 142 -13.01 21.07 -10.89
C LEU A 142 -14.14 20.72 -9.96
N ASN A 143 -15.36 21.11 -10.31
CA ASN A 143 -16.47 21.01 -9.38
C ASN A 143 -17.48 19.93 -9.76
N ASN A 144 -17.78 19.05 -8.80
CA ASN A 144 -18.90 18.09 -8.88
C ASN A 144 -18.85 17.17 -10.09
N PHE A 145 -17.84 16.30 -10.14
CA PHE A 145 -17.66 15.38 -11.26
C PHE A 145 -17.66 13.91 -10.79
N TYR A 146 -17.94 13.02 -11.74
CA TYR A 146 -17.83 11.57 -11.54
C TYR A 146 -17.51 10.95 -12.89
N PRO A 147 -16.59 9.97 -12.95
CA PRO A 147 -15.84 9.32 -11.87
C PRO A 147 -14.65 10.13 -11.37
N ARG A 148 -13.93 9.57 -10.39
CA ARG A 148 -12.87 10.28 -9.66
C ARG A 148 -11.66 10.62 -10.52
N GLU A 149 -11.29 9.73 -11.43
CA GLU A 149 -10.12 9.93 -12.28
C GLU A 149 -10.28 11.18 -13.15
N ALA A 150 -9.36 12.12 -12.96
CA ALA A 150 -9.33 13.36 -13.75
C ALA A 150 -7.89 13.84 -13.93
N LYS A 151 -7.55 14.27 -15.15
CA LYS A 151 -6.22 14.79 -15.43
C LYS A 151 -6.24 16.31 -15.51
N VAL A 152 -5.41 16.96 -14.71
CA VAL A 152 -5.27 18.41 -14.76
C VAL A 152 -3.85 18.75 -15.20
N GLN A 153 -3.75 19.53 -16.27
CA GLN A 153 -2.46 19.96 -16.79
C GLN A 153 -2.35 21.47 -16.79
N TRP A 154 -1.24 21.95 -16.23
CA TRP A 154 -0.95 23.37 -16.23
C TRP A 154 -0.08 23.75 -17.43
N LYS A 155 -0.49 24.81 -18.13
CA LYS A 155 0.28 25.37 -19.23
C LYS A 155 0.51 26.85 -19.03
N VAL A 156 1.76 27.27 -19.23
CA VAL A 156 2.18 28.66 -19.06
C VAL A 156 2.87 29.08 -20.35
N ASP A 157 2.24 30.04 -21.06
CA ASP A 157 2.63 30.39 -22.44
C ASP A 157 2.67 29.17 -23.35
N ASN A 158 1.72 28.25 -23.12
CA ASN A 158 1.58 26.99 -23.84
C ASN A 158 2.68 25.95 -23.52
N ALA A 159 3.46 26.22 -22.47
CA ALA A 159 4.49 25.30 -22.01
C ALA A 159 3.99 24.45 -20.84
N LEU A 160 4.09 23.13 -20.99
CA LEU A 160 3.63 22.17 -19.99
C LEU A 160 4.41 22.30 -18.69
N GLN A 161 3.68 22.43 -17.58
CA GLN A 161 4.31 22.58 -16.26
C GLN A 161 4.46 21.23 -15.56
N SER A 162 5.60 21.06 -14.89
CA SER A 162 5.89 19.85 -14.15
C SER A 162 6.58 20.18 -12.83
N GLY A 163 6.17 19.50 -11.76
CA GLY A 163 6.85 19.60 -10.46
C GLY A 163 6.59 20.87 -9.65
N ASN A 164 5.66 21.71 -10.12
CA ASN A 164 5.36 22.97 -9.42
C ASN A 164 3.87 23.15 -9.11
N SER A 165 3.12 22.05 -9.16
CA SER A 165 1.72 22.07 -8.77
C SER A 165 1.38 20.94 -7.81
N GLN A 166 0.32 21.13 -7.04
CA GLN A 166 -0.20 20.11 -6.15
C GLN A 166 -1.72 20.11 -6.25
N GLU A 167 -2.32 18.93 -6.13
CA GLU A 167 -3.78 18.83 -6.13
C GLU A 167 -4.34 18.13 -4.89
N SER A 168 -5.63 18.35 -4.64
CA SER A 168 -6.33 17.81 -3.50
C SER A 168 -7.74 17.48 -3.97
N VAL A 169 -8.26 16.33 -3.53
CA VAL A 169 -9.59 15.86 -3.93
C VAL A 169 -10.46 15.66 -2.70
N THR A 170 -11.74 15.99 -2.82
CA THR A 170 -12.68 15.76 -1.73
C THR A 170 -13.04 14.27 -1.66
N GLU A 171 -13.61 13.86 -0.53
CA GLU A 171 -14.22 12.54 -0.44
C GLU A 171 -15.52 12.60 -1.22
N GLN A 172 -16.07 11.44 -1.57
CA GLN A 172 -17.32 11.38 -2.33
C GLN A 172 -18.47 12.04 -1.58
N ASP A 173 -19.21 12.91 -2.28
CA ASP A 173 -20.33 13.62 -1.67
C ASP A 173 -21.47 12.66 -1.31
N SER A 174 -21.97 12.76 -0.08
CA SER A 174 -23.02 11.85 0.41
C SER A 174 -24.42 12.14 -0.12
N LYS A 175 -24.55 13.24 -0.89
CA LYS A 175 -25.85 13.58 -1.49
C LYS A 175 -25.91 13.38 -3.00
N ASP A 176 -24.85 13.76 -3.73
CA ASP A 176 -24.84 13.59 -5.19
C ASP A 176 -23.78 12.62 -5.74
N SER A 177 -22.97 12.05 -4.84
CA SER A 177 -21.98 11.01 -5.19
C SER A 177 -20.83 11.49 -6.10
N THR A 178 -20.60 12.80 -6.11
CA THR A 178 -19.56 13.38 -6.97
C THR A 178 -18.32 13.75 -6.17
N TYR A 179 -17.24 14.07 -6.89
CA TYR A 179 -16.01 14.56 -6.31
C TYR A 179 -15.73 15.98 -6.80
N SER A 180 -14.92 16.72 -6.04
CA SER A 180 -14.35 17.96 -6.51
C SER A 180 -12.83 17.94 -6.33
N LEU A 181 -12.13 18.75 -7.11
CA LEU A 181 -10.66 18.76 -7.11
C LEU A 181 -10.13 20.19 -7.24
N SER A 182 -9.10 20.50 -6.47
CA SER A 182 -8.36 21.76 -6.66
C SER A 182 -6.93 21.44 -7.02
N SER A 183 -6.40 22.18 -8.00
CA SER A 183 -4.99 22.12 -8.35
C SER A 183 -4.41 23.51 -8.17
N THR A 184 -3.28 23.60 -7.49
CA THR A 184 -2.62 24.88 -7.25
C THR A 184 -1.24 24.91 -7.91
N LEU A 185 -1.08 25.86 -8.83
CA LEU A 185 0.22 26.15 -9.43
C LEU A 185 0.93 27.27 -8.66
N THR A 186 2.13 26.99 -8.18
CA THR A 186 2.86 27.96 -7.37
C THR A 186 4.16 28.38 -8.06
N LEU A 187 4.29 29.69 -8.23
CA LEU A 187 5.48 30.30 -8.83
C LEU A 187 5.94 31.47 -7.97
N SER A 188 7.20 31.87 -8.15
CA SER A 188 7.69 33.11 -7.58
C SER A 188 7.07 34.27 -8.35
N LYS A 189 6.94 35.43 -7.70
CA LYS A 189 6.44 36.64 -8.36
C LYS A 189 7.25 36.95 -9.62
N ALA A 190 8.56 36.84 -9.52
CA ALA A 190 9.46 37.08 -10.64
C ALA A 190 9.11 36.22 -11.85
N ASP A 191 9.02 34.90 -11.63
CA ASP A 191 8.67 33.95 -12.70
C ASP A 191 7.26 34.18 -13.25
N TYR A 192 6.34 34.58 -12.37
CA TYR A 192 4.95 34.83 -12.76
C TYR A 192 4.82 35.97 -13.77
N GLU A 193 5.54 37.07 -13.52
CA GLU A 193 5.46 38.24 -14.38
C GLU A 193 6.34 38.17 -15.64
N LYS A 194 6.93 37.00 -15.89
CA LYS A 194 7.69 36.76 -17.12
C LYS A 194 6.78 36.20 -18.22
N HIS A 195 5.62 35.68 -17.82
CA HIS A 195 4.71 35.00 -18.75
C HIS A 195 3.33 35.66 -18.77
N LYS A 196 2.59 35.43 -19.84
CA LYS A 196 1.29 36.07 -20.02
C LYS A 196 0.10 35.13 -19.86
N VAL A 197 0.08 34.02 -20.60
CA VAL A 197 -1.07 33.11 -20.61
C VAL A 197 -0.92 31.99 -19.59
N TYR A 198 -1.90 31.88 -18.69
CA TYR A 198 -1.95 30.83 -17.70
C TYR A 198 -3.20 29.97 -17.90
N ALA A 199 -2.98 28.68 -18.12
CA ALA A 199 -4.06 27.76 -18.47
C ALA A 199 -4.04 26.48 -17.64
N CYS A 200 -5.23 26.03 -17.27
CA CYS A 200 -5.43 24.70 -16.73
C CYS A 200 -6.25 23.90 -17.77
N GLU A 201 -5.71 22.77 -18.19
CA GLU A 201 -6.41 21.89 -19.14
C GLU A 201 -6.89 20.63 -18.44
N VAL A 202 -8.17 20.35 -18.59
CA VAL A 202 -8.84 19.29 -17.84
C VAL A 202 -9.32 18.15 -18.74
N THR A 203 -8.84 16.93 -18.44
CA THR A 203 -9.29 15.72 -19.11
C THR A 203 -10.13 14.88 -18.14
N HIS A 204 -11.31 14.48 -18.59
CA HIS A 204 -12.25 13.71 -17.79
C HIS A 204 -13.21 12.94 -18.68
N GLN A 205 -13.70 11.80 -18.18
CA GLN A 205 -14.60 10.94 -18.94
C GLN A 205 -15.91 11.62 -19.37
N GLY A 206 -16.41 12.54 -18.53
CA GLY A 206 -17.64 13.28 -18.83
C GLY A 206 -17.49 14.39 -19.86
N LEU A 207 -16.25 14.67 -20.27
CA LEU A 207 -15.98 15.66 -21.30
C LEU A 207 -15.56 14.98 -22.59
N SER A 208 -16.26 15.30 -23.67
CA SER A 208 -15.96 14.73 -24.99
C SER A 208 -14.58 15.16 -25.49
N SER A 209 -14.11 16.31 -25.02
CA SER A 209 -12.80 16.84 -25.38
C SER A 209 -12.20 17.56 -24.17
N PRO A 210 -10.86 17.66 -24.11
CA PRO A 210 -10.25 18.39 -23.00
C PRO A 210 -10.70 19.85 -23.00
N VAL A 211 -11.12 20.35 -21.84
CA VAL A 211 -11.52 21.75 -21.71
C VAL A 211 -10.44 22.58 -21.03
N THR A 212 -10.19 23.75 -21.57
CA THR A 212 -9.18 24.65 -21.05
C THR A 212 -9.83 25.93 -20.50
N LYS A 213 -9.47 26.29 -19.26
CA LYS A 213 -9.76 27.61 -18.73
C LYS A 213 -8.44 28.36 -18.58
N SER A 214 -8.46 29.64 -18.95
CA SER A 214 -7.23 30.45 -18.97
C SER A 214 -7.49 31.93 -18.75
N PHE A 215 -6.45 32.64 -18.30
CA PHE A 215 -6.48 34.09 -18.20
C PHE A 215 -5.16 34.65 -18.67
N ASN A 216 -5.17 35.92 -19.07
CA ASN A 216 -3.95 36.65 -19.35
C ASN A 216 -3.61 37.53 -18.15
N ARG A 217 -2.37 37.38 -17.66
CA ARG A 217 -1.89 38.17 -16.53
C ARG A 217 -1.98 39.66 -16.85
N GLY A 218 -2.57 40.42 -15.92
CA GLY A 218 -2.80 41.84 -16.12
C GLY A 218 -4.18 42.08 -16.72
N GLU A 219 -4.30 41.78 -18.01
CA GLU A 219 -5.56 41.93 -18.73
C GLU A 219 -6.55 40.82 -18.36
N PCA B 1 -24.97 10.84 29.26
CA PCA B 1 -23.55 10.55 29.49
CB PCA B 1 -23.35 9.05 29.67
CG PCA B 1 -24.52 8.40 28.95
CD PCA B 1 -25.51 9.52 28.89
OE PCA B 1 -26.66 9.34 28.58
C PCA B 1 -22.72 11.04 28.32
O PCA B 1 -23.06 10.77 27.16
N SER B 2 -21.64 11.74 28.61
CA SER B 2 -20.75 12.21 27.55
C SER B 2 -19.28 12.16 27.98
N VAL B 3 -18.39 12.13 27.00
CA VAL B 3 -16.95 12.18 27.23
C VAL B 3 -16.32 13.19 26.26
N GLU B 4 -15.24 13.83 26.70
CA GLU B 4 -14.55 14.82 25.88
C GLU B 4 -13.04 14.68 26.07
N GLU B 5 -12.31 14.60 24.96
CA GLU B 5 -10.83 14.50 24.98
C GLU B 5 -10.21 15.88 24.91
N SER B 6 -9.06 16.06 25.58
CA SER B 6 -8.32 17.32 25.51
C SER B 6 -6.83 17.09 25.64
N GLY B 7 -6.05 18.12 25.32
CA GLY B 7 -4.61 18.09 25.55
C GLY B 7 -3.79 17.91 24.28
N GLY B 8 -4.46 17.64 23.17
CA GLY B 8 -3.77 17.47 21.88
C GLY B 8 -3.11 18.75 21.44
N ARG B 9 -1.87 18.64 20.97
CA ARG B 9 -1.08 19.78 20.49
C ARG B 9 0.13 19.27 19.73
N LEU B 10 0.92 20.21 19.21
CA LEU B 10 2.19 19.88 18.57
C LEU B 10 3.32 19.75 19.60
N VAL B 11 4.06 18.65 19.51
CA VAL B 11 5.28 18.42 20.29
C VAL B 11 6.41 17.90 19.40
N THR B 12 7.66 18.17 19.79
CA THR B 12 8.81 17.59 19.09
C THR B 12 8.94 16.10 19.45
N PRO B 13 9.55 15.29 18.57
CA PRO B 13 9.76 13.87 18.90
C PRO B 13 10.51 13.69 20.22
N GLY B 14 10.06 12.75 21.04
CA GLY B 14 10.67 12.48 22.34
C GLY B 14 10.10 13.29 23.51
N THR B 15 9.24 14.25 23.23
CA THR B 15 8.68 15.14 24.27
C THR B 15 7.36 14.59 24.82
N PRO B 16 7.35 14.23 26.12
CA PRO B 16 6.17 13.65 26.78
C PRO B 16 4.95 14.55 26.64
N LEU B 17 3.78 13.94 26.46
CA LEU B 17 2.53 14.66 26.33
C LEU B 17 1.44 13.88 27.04
N THR B 18 0.54 14.58 27.72
CA THR B 18 -0.58 13.94 28.41
C THR B 18 -1.93 14.40 27.86
N LEU B 19 -2.76 13.43 27.48
CA LEU B 19 -4.12 13.70 27.06
C LEU B 19 -5.10 13.37 28.17
N THR B 20 -6.24 14.05 28.17
CA THR B 20 -7.23 13.85 29.21
C THR B 20 -8.59 13.57 28.60
N CYS B 21 -9.30 12.61 29.20
CA CYS B 21 -10.68 12.32 28.88
C CYS B 21 -11.54 12.72 30.09
N THR B 22 -12.47 13.65 29.89
CA THR B 22 -13.34 14.15 30.96
C THR B 22 -14.74 13.61 30.75
N VAL B 23 -15.31 13.00 31.79
CA VAL B 23 -16.63 12.38 31.67
C VAL B 23 -17.71 13.19 32.38
N SER B 24 -18.94 13.09 31.87
CA SER B 24 -20.09 13.75 32.48
C SER B 24 -21.26 12.80 32.47
N GLY B 25 -21.99 12.76 33.59
CA GLY B 25 -23.25 12.04 33.67
C GLY B 25 -23.17 10.55 33.97
N PHE B 26 -22.01 10.11 34.45
CA PHE B 26 -21.82 8.73 34.90
C PHE B 26 -20.53 8.61 35.72
N SER B 27 -20.41 7.51 36.47
CA SER B 27 -19.25 7.23 37.31
C SER B 27 -18.25 6.28 36.62
N LEU B 28 -16.95 6.59 36.77
CA LEU B 28 -15.87 5.74 36.24
C LEU B 28 -15.84 4.34 36.86
N SER B 29 -16.31 4.22 38.09
CA SER B 29 -16.39 2.93 38.76
C SER B 29 -17.59 2.09 38.30
N SER B 30 -18.34 2.61 37.32
CA SER B 30 -19.52 1.91 36.81
C SER B 30 -19.36 1.43 35.39
N TYR B 31 -18.46 2.07 34.63
CA TYR B 31 -18.30 1.78 33.22
C TYR B 31 -16.81 1.78 32.82
N PRO B 32 -16.43 0.89 31.89
CA PRO B 32 -15.06 0.92 31.36
C PRO B 32 -14.80 2.09 30.42
N MET B 33 -13.55 2.52 30.32
CA MET B 33 -13.16 3.60 29.43
C MET B 33 -12.03 3.08 28.54
N ASN B 34 -11.97 3.57 27.31
CA ASN B 34 -11.00 3.11 26.33
C ASN B 34 -10.42 4.25 25.54
N TRP B 35 -9.12 4.14 25.19
CA TRP B 35 -8.48 5.06 24.26
C TRP B 35 -8.28 4.39 22.90
N VAL B 36 -8.55 5.15 21.85
CA VAL B 36 -8.40 4.71 20.47
C VAL B 36 -7.74 5.84 19.68
N ARG B 37 -6.91 5.50 18.71
CA ARG B 37 -6.36 6.55 17.86
C ARG B 37 -6.51 6.25 16.37
N GLN B 38 -6.31 7.28 15.55
CA GLN B 38 -6.38 7.15 14.12
C GLN B 38 -5.40 8.13 13.49
N ALA B 39 -4.36 7.61 12.85
CA ALA B 39 -3.42 8.47 12.13
C ALA B 39 -4.15 9.03 10.91
N PRO B 40 -3.73 10.21 10.41
CA PRO B 40 -4.41 10.79 9.25
C PRO B 40 -4.50 9.80 8.09
N GLY B 41 -5.73 9.54 7.64
CA GLY B 41 -5.97 8.66 6.50
C GLY B 41 -5.81 7.16 6.76
N LYS B 42 -5.65 6.78 8.03
CA LYS B 42 -5.43 5.37 8.37
C LYS B 42 -6.55 4.84 9.28
N GLY B 43 -6.38 3.63 9.77
CA GLY B 43 -7.45 2.95 10.48
C GLY B 43 -7.51 3.28 11.96
N LEU B 44 -8.61 2.88 12.60
CA LEU B 44 -8.76 2.90 14.05
C LEU B 44 -7.86 1.86 14.73
N GLU B 45 -7.20 2.27 15.82
CA GLU B 45 -6.32 1.39 16.58
C GLU B 45 -6.64 1.53 18.06
N TRP B 46 -7.05 0.44 18.70
CA TRP B 46 -7.25 0.43 20.15
C TRP B 46 -5.91 0.53 20.87
N ILE B 47 -5.80 1.46 21.81
CA ILE B 47 -4.57 1.65 22.62
C ILE B 47 -4.62 0.92 23.95
N GLY B 48 -5.73 1.07 24.66
CA GLY B 48 -5.86 0.52 25.98
C GLY B 48 -7.08 1.08 26.69
N GLY B 49 -7.31 0.63 27.91
CA GLY B 49 -8.48 1.08 28.67
C GLY B 49 -8.39 0.73 30.14
N ILE B 50 -9.38 1.19 30.89
CA ILE B 50 -9.51 0.89 32.31
C ILE B 50 -10.86 0.26 32.57
N GLY B 51 -10.86 -0.90 33.23
CA GLY B 51 -12.11 -1.60 33.58
C GLY B 51 -12.78 -1.03 34.82
N THR B 52 -13.98 -1.53 35.10
CA THR B 52 -14.77 -1.12 36.27
C THR B 52 -13.99 -1.20 37.58
N SER B 53 -13.32 -2.33 37.79
CA SER B 53 -12.56 -2.55 39.02
C SER B 53 -11.26 -1.75 39.10
N GLY B 54 -10.94 -0.99 38.04
CA GLY B 54 -9.74 -0.16 38.02
C GLY B 54 -8.51 -0.81 37.40
N ASN B 55 -8.67 -2.04 36.91
CA ASN B 55 -7.62 -2.71 36.15
C ASN B 55 -7.32 -1.99 34.84
N ILE B 56 -6.05 -1.80 34.54
CA ILE B 56 -5.66 -1.14 33.29
C ILE B 56 -5.15 -2.18 32.29
N TRP B 57 -5.62 -2.05 31.06
CA TRP B 57 -5.29 -2.98 29.99
C TRP B 57 -4.66 -2.20 28.85
N TYR B 58 -3.63 -2.78 28.24
CA TYR B 58 -3.00 -2.18 27.06
C TYR B 58 -3.00 -3.14 25.88
N ALA B 59 -3.07 -2.58 24.67
CA ALA B 59 -2.68 -3.32 23.48
C ALA B 59 -1.19 -3.64 23.59
N SER B 60 -0.77 -4.81 23.10
CA SER B 60 0.62 -5.23 23.26
C SER B 60 1.59 -4.21 22.65
N TRP B 61 1.21 -3.61 21.53
CA TRP B 61 2.05 -2.63 20.84
C TRP B 61 2.21 -1.34 21.61
N ALA B 62 1.26 -1.05 22.50
CA ALA B 62 1.22 0.21 23.26
C ALA B 62 1.94 0.20 24.61
N LYS B 63 2.18 -0.99 25.16
CA LYS B 63 2.84 -1.13 26.46
C LYS B 63 4.18 -0.41 26.48
N GLY B 64 4.38 0.43 27.51
CA GLY B 64 5.61 1.20 27.65
C GLY B 64 5.54 2.55 26.96
N ARG B 65 4.87 2.60 25.80
CA ARG B 65 4.76 3.83 25.02
C ARG B 65 3.66 4.74 25.53
N PHE B 66 2.67 4.14 26.20
CA PHE B 66 1.52 4.86 26.71
C PHE B 66 1.24 4.41 28.13
N ILE B 67 0.82 5.35 28.97
CA ILE B 67 0.43 5.06 30.34
C ILE B 67 -0.97 5.64 30.55
N ILE B 68 -1.89 4.79 30.98
CA ILE B 68 -3.28 5.14 31.22
C ILE B 68 -3.54 5.14 32.72
N SER B 69 -4.21 6.18 33.23
CA SER B 69 -4.57 6.25 34.65
C SER B 69 -5.88 7.01 34.89
N ARG B 70 -6.54 6.67 36.00
CA ARG B 70 -7.63 7.46 36.53
C ARG B 70 -7.00 8.65 37.24
N ALA B 71 -7.20 9.85 36.69
CA ALA B 71 -6.56 11.06 37.22
C ALA B 71 -7.40 11.75 38.28
N SER B 72 -8.72 11.59 38.18
CA SER B 72 -9.66 12.12 39.18
C SER B 72 -10.96 11.33 39.07
N SER B 73 -11.95 11.71 39.88
CA SER B 73 -13.25 11.04 39.83
C SER B 73 -13.95 11.24 38.49
N THR B 74 -13.52 12.25 37.73
CA THR B 74 -14.16 12.57 36.45
C THR B 74 -13.22 12.56 35.24
N THR B 75 -11.96 12.19 35.44
CA THR B 75 -10.98 12.21 34.34
C THR B 75 -10.07 10.98 34.26
N VAL B 76 -9.76 10.59 33.03
CA VAL B 76 -8.80 9.53 32.72
C VAL B 76 -7.71 10.17 31.85
N ASP B 77 -6.44 9.88 32.18
CA ASP B 77 -5.29 10.43 31.46
C ASP B 77 -4.67 9.39 30.54
N LEU B 78 -4.07 9.86 29.45
CA LEU B 78 -3.25 9.04 28.58
C LEU B 78 -1.94 9.79 28.35
N LYS B 79 -0.86 9.23 28.87
CA LYS B 79 0.46 9.85 28.71
C LYS B 79 1.22 9.14 27.61
N VAL B 80 1.70 9.91 26.64
CA VAL B 80 2.56 9.38 25.58
C VAL B 80 3.99 9.64 26.04
N THR B 81 4.71 8.58 26.38
CA THR B 81 6.01 8.71 27.10
C THR B 81 7.19 9.22 26.26
N SER B 82 7.27 8.79 25.00
CA SER B 82 8.34 9.23 24.09
C SER B 82 7.83 9.26 22.64
N PRO B 83 7.04 10.29 22.30
CA PRO B 83 6.32 10.32 21.03
C PRO B 83 7.26 10.29 19.84
N THR B 84 6.89 9.52 18.82
CA THR B 84 7.59 9.55 17.54
C THR B 84 6.64 10.19 16.52
N THR B 85 7.17 10.55 15.36
CA THR B 85 6.34 11.12 14.29
C THR B 85 5.14 10.24 13.95
N GLU B 86 5.27 8.93 14.21
CA GLU B 86 4.20 8.00 13.93
C GLU B 86 3.11 7.98 15.00
N ASP B 87 3.27 8.80 16.05
CA ASP B 87 2.19 8.99 17.03
C ASP B 87 1.27 10.16 16.70
N THR B 88 1.56 10.82 15.59
CA THR B 88 0.67 11.85 15.01
C THR B 88 -0.65 11.18 14.65
N ALA B 89 -1.72 11.61 15.32
CA ALA B 89 -3.04 11.00 15.18
C ALA B 89 -4.10 11.81 15.90
N THR B 90 -5.35 11.53 15.57
CA THR B 90 -6.46 11.95 16.40
C THR B 90 -6.62 10.88 17.48
N TYR B 91 -6.73 11.32 18.72
CA TYR B 91 -6.94 10.40 19.84
C TYR B 91 -8.36 10.55 20.38
N PHE B 92 -9.07 9.41 20.46
CA PHE B 92 -10.44 9.38 20.93
C PHE B 92 -10.48 8.65 22.25
N CYS B 93 -11.33 9.13 23.15
CA CYS B 93 -11.70 8.35 24.32
C CYS B 93 -13.16 7.91 24.18
N ALA B 94 -13.49 6.76 24.78
CA ALA B 94 -14.86 6.25 24.74
C ALA B 94 -15.19 5.55 26.05
N ARG B 95 -16.43 5.73 26.50
CA ARG B 95 -16.98 4.84 27.50
C ARG B 95 -17.38 3.59 26.72
N GLY B 96 -16.95 2.43 27.22
CA GLY B 96 -17.18 1.17 26.51
C GLY B 96 -16.45 1.17 25.17
N LEU B 97 -17.04 0.49 24.19
CA LEU B 97 -16.53 0.35 22.83
C LEU B 97 -17.41 -0.61 22.04
N TYR B 98 -17.98 -1.58 22.76
CA TYR B 98 -18.75 -2.68 22.18
C TYR B 98 -20.23 -2.64 22.57
N ASN B 99 -20.49 -2.56 23.88
CA ASN B 99 -21.87 -2.66 24.42
C ASN B 99 -22.73 -1.44 24.13
N ASP B 100 -24.01 -1.54 24.51
CA ASP B 100 -25.00 -0.48 24.31
C ASP B 100 -24.69 0.85 25.02
N TYR B 101 -23.87 0.80 26.06
CA TYR B 101 -23.51 2.02 26.78
C TYR B 101 -22.39 2.82 26.11
N THR B 102 -21.89 2.33 24.97
CA THR B 102 -20.77 2.95 24.28
C THR B 102 -21.04 4.39 23.85
N VAL B 103 -20.13 5.30 24.22
CA VAL B 103 -20.18 6.72 23.85
C VAL B 103 -18.75 7.20 23.54
N TRP B 104 -18.56 7.86 22.39
CA TRP B 104 -17.25 8.39 21.97
C TRP B 104 -17.19 9.92 22.10
N GLY B 105 -15.99 10.46 22.27
CA GLY B 105 -15.78 11.90 22.23
C GLY B 105 -15.44 12.32 20.81
N PRO B 106 -15.33 13.64 20.55
CA PRO B 106 -15.00 14.12 19.20
C PRO B 106 -13.52 13.94 18.79
N GLY B 107 -12.65 13.63 19.74
CA GLY B 107 -11.24 13.42 19.45
C GLY B 107 -10.38 14.66 19.68
N THR B 108 -9.10 14.45 19.93
CA THR B 108 -8.13 15.54 20.09
C THR B 108 -6.93 15.25 19.20
N LEU B 109 -6.47 16.26 18.47
CA LEU B 109 -5.40 16.05 17.49
C LEU B 109 -4.00 16.22 18.09
N VAL B 110 -3.17 15.19 17.92
CA VAL B 110 -1.76 15.24 18.31
C VAL B 110 -0.88 15.28 17.06
N THR B 111 0.09 16.19 17.06
CA THR B 111 1.08 16.23 15.99
C THR B 111 2.47 16.12 16.60
N VAL B 112 3.27 15.20 16.06
CA VAL B 112 4.65 15.04 16.51
C VAL B 112 5.60 15.37 15.35
N SER B 113 6.33 16.47 15.48
CA SER B 113 7.20 16.96 14.40
C SER B 113 8.19 17.98 14.95
N SER B 114 9.34 18.10 14.28
CA SER B 114 10.32 19.12 14.65
C SER B 114 10.08 20.46 13.95
N ALA B 115 9.10 20.51 13.05
CA ALA B 115 8.70 21.75 12.40
C ALA B 115 8.00 22.66 13.40
N SER B 116 8.14 23.97 13.24
CA SER B 116 7.55 24.92 14.18
C SER B 116 6.17 25.42 13.73
N THR B 117 5.43 25.96 14.70
CA THR B 117 4.11 26.53 14.46
C THR B 117 4.21 27.76 13.54
N LYS B 118 3.31 27.84 12.58
CA LYS B 118 3.20 29.02 11.70
C LYS B 118 1.75 29.30 11.33
N GLY B 119 1.35 30.56 11.49
CA GLY B 119 0.02 31.01 11.08
C GLY B 119 -0.12 31.13 9.57
N PRO B 120 -1.33 30.86 9.04
CA PRO B 120 -1.52 30.92 7.58
C PRO B 120 -1.72 32.34 7.09
N SER B 121 -1.44 32.56 5.81
CA SER B 121 -1.90 33.76 5.12
C SER B 121 -3.20 33.38 4.41
N VAL B 122 -4.16 34.29 4.43
CA VAL B 122 -5.45 34.04 3.78
C VAL B 122 -5.63 34.97 2.59
N PHE B 123 -5.73 34.39 1.40
CA PHE B 123 -5.93 35.16 0.18
C PHE B 123 -7.26 34.85 -0.47
N PRO B 124 -7.89 35.86 -1.10
CA PRO B 124 -9.16 35.60 -1.76
C PRO B 124 -9.01 34.90 -3.12
N LEU B 125 -9.98 34.04 -3.43
CA LEU B 125 -10.15 33.52 -4.78
C LEU B 125 -11.38 34.24 -5.32
N ALA B 126 -11.15 35.36 -5.99
CA ALA B 126 -12.22 36.26 -6.38
C ALA B 126 -13.08 35.68 -7.49
N PRO B 127 -14.42 35.81 -7.38
CA PRO B 127 -15.25 35.41 -8.49
C PRO B 127 -15.03 36.36 -9.68
N SER B 128 -15.03 35.80 -10.88
CA SER B 128 -14.94 36.60 -12.12
C SER B 128 -15.66 35.83 -13.23
N SER B 129 -15.55 36.30 -14.46
CA SER B 129 -16.10 35.55 -15.60
C SER B 129 -15.38 34.21 -15.80
N LYS B 130 -14.11 34.15 -15.35
CA LYS B 130 -13.29 32.94 -15.44
C LYS B 130 -13.65 31.91 -14.36
N SER B 131 -14.50 32.33 -13.43
CA SER B 131 -15.06 31.44 -12.42
C SER B 131 -16.59 31.55 -12.39
N THR B 132 -17.19 31.71 -13.57
CA THR B 132 -18.64 31.68 -13.75
C THR B 132 -18.99 30.66 -14.83
N SER B 133 -20.05 29.90 -14.62
CA SER B 133 -20.60 28.98 -15.63
C SER B 133 -22.11 28.79 -15.47
N GLY B 134 -22.87 29.32 -16.43
CA GLY B 134 -24.32 29.14 -16.48
C GLY B 134 -25.10 29.62 -15.26
N GLY B 135 -24.84 30.85 -14.84
CA GLY B 135 -25.57 31.44 -13.71
C GLY B 135 -24.98 31.12 -12.34
N THR B 136 -23.95 30.28 -12.32
CA THR B 136 -23.26 29.90 -11.09
C THR B 136 -21.87 30.51 -11.09
N ALA B 137 -21.52 31.18 -10.00
CA ALA B 137 -20.19 31.73 -9.81
C ALA B 137 -19.47 30.95 -8.72
N ALA B 138 -18.16 30.79 -8.87
CA ALA B 138 -17.35 30.17 -7.82
C ALA B 138 -16.42 31.19 -7.18
N LEU B 139 -16.35 31.15 -5.86
CA LEU B 139 -15.39 31.99 -5.13
C LEU B 139 -14.81 31.20 -3.99
N GLY B 140 -13.78 31.74 -3.36
CA GLY B 140 -13.18 31.06 -2.21
C GLY B 140 -12.05 31.79 -1.54
N CYS B 141 -11.35 31.06 -0.67
N CYS B 141 -11.32 31.06 -0.69
CA CYS B 141 -10.18 31.58 0.01
CA CYS B 141 -10.18 31.61 0.02
C CYS B 141 -9.06 30.55 -0.07
C CYS B 141 -9.05 30.58 0.07
N LEU B 142 -7.85 31.03 -0.27
CA LEU B 142 -6.65 30.19 -0.23
C LEU B 142 -5.99 30.42 1.12
N VAL B 143 -5.84 29.34 1.88
CA VAL B 143 -5.24 29.39 3.20
C VAL B 143 -3.85 28.76 3.10
N LYS B 144 -2.83 29.61 3.05
CA LYS B 144 -1.50 29.18 2.64
C LYS B 144 -0.45 29.29 3.75
N ASP B 145 0.41 28.27 3.80
CA ASP B 145 1.64 28.28 4.61
C ASP B 145 1.37 28.24 6.11
N TYR B 146 0.77 27.14 6.57
CA TYR B 146 0.52 26.96 8.00
C TYR B 146 0.99 25.61 8.56
N PHE B 147 1.26 25.59 9.86
CA PHE B 147 1.62 24.37 10.59
C PHE B 147 1.33 24.56 12.08
N PRO B 148 0.81 23.51 12.76
CA PRO B 148 0.35 22.23 12.23
C PRO B 148 -1.11 22.31 11.80
N GLU B 149 -1.71 21.15 11.55
CA GLU B 149 -3.16 21.03 11.43
C GLU B 149 -3.78 21.21 12.82
N PRO B 150 -5.09 21.55 12.89
CA PRO B 150 -6.00 21.82 11.79
C PRO B 150 -6.29 23.32 11.56
N VAL B 151 -6.89 23.63 10.43
CA VAL B 151 -7.58 24.91 10.24
C VAL B 151 -9.07 24.63 10.03
N THR B 152 -9.93 25.51 10.55
CA THR B 152 -11.34 25.45 10.21
C THR B 152 -11.68 26.58 9.24
N VAL B 153 -12.57 26.28 8.30
CA VAL B 153 -13.14 27.29 7.42
C VAL B 153 -14.65 27.21 7.43
N SER B 154 -15.29 28.35 7.63
CA SER B 154 -16.73 28.46 7.46
C SER B 154 -17.01 29.68 6.59
N TRP B 155 -18.23 29.77 6.08
CA TRP B 155 -18.64 30.88 5.25
C TRP B 155 -19.80 31.65 5.90
N ASN B 156 -19.67 32.96 5.90
CA ASN B 156 -20.68 33.86 6.48
C ASN B 156 -21.07 33.47 7.90
N SER B 157 -20.05 33.23 8.73
CA SER B 157 -20.25 32.85 10.14
C SER B 157 -21.08 31.58 10.32
N GLY B 158 -21.02 30.68 9.34
CA GLY B 158 -21.76 29.43 9.37
C GLY B 158 -23.15 29.48 8.75
N ALA B 159 -23.57 30.65 8.29
CA ALA B 159 -24.87 30.83 7.65
C ALA B 159 -24.94 30.20 6.26
N LEU B 160 -23.78 29.98 5.65
CA LEU B 160 -23.70 29.39 4.31
C LEU B 160 -22.94 28.07 4.32
N THR B 161 -23.62 26.97 3.97
CA THR B 161 -22.99 25.66 3.94
C THR B 161 -23.18 24.93 2.60
N SER B 162 -24.25 25.25 1.88
CA SER B 162 -24.52 24.58 0.61
C SER B 162 -23.55 25.03 -0.48
N GLY B 163 -23.09 24.08 -1.29
CA GLY B 163 -22.16 24.36 -2.38
C GLY B 163 -20.74 24.63 -1.93
N VAL B 164 -20.45 24.40 -0.65
CA VAL B 164 -19.12 24.63 -0.09
C VAL B 164 -18.26 23.38 -0.25
N HIS B 165 -17.02 23.58 -0.72
CA HIS B 165 -16.03 22.53 -0.69
C HIS B 165 -14.75 23.03 -0.02
N THR B 166 -14.44 22.45 1.14
CA THR B 166 -13.15 22.72 1.77
C THR B 166 -12.26 21.52 1.54
N PHE B 167 -11.19 21.74 0.78
CA PHE B 167 -10.34 20.65 0.33
C PHE B 167 -9.37 20.19 1.42
N PRO B 168 -9.04 18.88 1.44
CA PRO B 168 -7.99 18.39 2.33
C PRO B 168 -6.72 19.20 2.12
N ALA B 169 -6.05 19.53 3.22
CA ALA B 169 -4.78 20.26 3.17
C ALA B 169 -3.73 19.42 2.47
N VAL B 170 -2.85 20.09 1.72
CA VAL B 170 -1.69 19.42 1.14
C VAL B 170 -0.40 19.93 1.80
N LEU B 171 0.51 19.01 2.08
CA LEU B 171 1.81 19.37 2.60
C LEU B 171 2.71 19.82 1.44
N GLN B 172 3.14 21.09 1.50
CA GLN B 172 4.03 21.64 0.48
C GLN B 172 5.46 21.16 0.71
N SER B 173 6.31 21.30 -0.30
CA SER B 173 7.73 20.93 -0.19
C SER B 173 8.46 21.72 0.91
N SER B 174 7.93 22.91 1.23
CA SER B 174 8.44 23.74 2.30
C SER B 174 8.18 23.15 3.69
N GLY B 175 7.30 22.16 3.76
CA GLY B 175 6.92 21.53 5.03
C GLY B 175 5.71 22.18 5.66
N LEU B 176 5.12 23.14 4.95
CA LEU B 176 3.94 23.86 5.42
C LEU B 176 2.70 23.40 4.66
N TYR B 177 1.56 23.42 5.33
CA TYR B 177 0.30 23.07 4.69
C TYR B 177 -0.28 24.22 3.90
N SER B 178 -1.10 23.87 2.91
CA SER B 178 -1.92 24.85 2.20
C SER B 178 -3.26 24.20 1.85
N LEU B 179 -4.34 24.97 1.92
CA LEU B 179 -5.63 24.49 1.42
C LEU B 179 -6.47 25.61 0.87
N SER B 180 -7.48 25.21 0.09
CA SER B 180 -8.47 26.12 -0.42
C SER B 180 -9.85 25.70 0.03
N SER B 181 -10.72 26.67 0.24
CA SER B 181 -12.13 26.41 0.44
C SER B 181 -12.87 27.22 -0.59
N VAL B 182 -13.78 26.57 -1.30
CA VAL B 182 -14.56 27.23 -2.34
C VAL B 182 -16.05 27.08 -2.06
N VAL B 183 -16.82 27.99 -2.65
CA VAL B 183 -18.27 27.90 -2.62
C VAL B 183 -18.83 28.34 -3.97
N THR B 184 -19.82 27.60 -4.46
CA THR B 184 -20.53 28.00 -5.67
C THR B 184 -21.82 28.72 -5.29
N VAL B 185 -22.03 29.88 -5.89
CA VAL B 185 -23.19 30.72 -5.57
C VAL B 185 -23.88 31.17 -6.86
N PRO B 186 -25.16 31.62 -6.76
CA PRO B 186 -25.78 32.24 -7.93
C PRO B 186 -25.02 33.50 -8.33
N SER B 187 -24.65 33.60 -9.60
CA SER B 187 -23.90 34.76 -10.10
C SER B 187 -24.70 36.05 -9.93
N SER B 188 -26.04 35.95 -10.03
CA SER B 188 -26.93 37.08 -9.81
C SER B 188 -26.86 37.65 -8.37
N SER B 189 -26.16 36.96 -7.48
CA SER B 189 -26.05 37.39 -6.09
C SER B 189 -24.74 38.13 -5.77
N LEU B 190 -23.84 38.20 -6.76
CA LEU B 190 -22.51 38.77 -6.55
C LEU B 190 -22.52 40.25 -6.18
N GLY B 191 -23.51 40.98 -6.69
CA GLY B 191 -23.66 42.40 -6.39
C GLY B 191 -24.29 42.72 -5.04
N THR B 192 -25.18 41.85 -4.57
CA THR B 192 -25.97 42.14 -3.36
C THR B 192 -25.50 41.42 -2.09
N GLN B 193 -25.03 40.18 -2.24
CA GLN B 193 -24.70 39.34 -1.08
C GLN B 193 -23.21 39.35 -0.73
N THR B 194 -22.92 39.62 0.55
CA THR B 194 -21.55 39.59 1.06
C THR B 194 -21.11 38.15 1.35
N TYR B 195 -19.91 37.80 0.86
CA TYR B 195 -19.30 36.51 1.14
C TYR B 195 -18.00 36.65 1.92
N ILE B 196 -17.98 36.05 3.12
CA ILE B 196 -16.83 36.14 4.01
C ILE B 196 -16.39 34.75 4.40
N CYS B 197 -15.12 34.43 4.16
N CYS B 197 -15.09 34.48 4.23
CA CYS B 197 -14.58 33.18 4.66
CA CYS B 197 -14.49 33.20 4.60
C CYS B 197 -14.04 33.42 6.06
C CYS B 197 -13.86 33.28 6.01
N ASN B 198 -14.44 32.55 6.97
CA ASN B 198 -14.00 32.61 8.35
C ASN B 198 -12.94 31.55 8.60
N VAL B 199 -11.69 31.98 8.72
CA VAL B 199 -10.58 31.06 8.90
C VAL B 199 -10.05 31.14 10.32
N ASN B 200 -9.90 29.97 10.94
CA ASN B 200 -9.38 29.90 12.30
C ASN B 200 -8.27 28.85 12.37
N HIS B 201 -7.08 29.28 12.78
CA HIS B 201 -5.96 28.40 13.06
C HIS B 201 -5.55 28.64 14.52
N LYS B 202 -6.13 27.85 15.41
CA LYS B 202 -5.94 28.02 16.85
C LYS B 202 -4.49 27.89 17.35
N PRO B 203 -3.71 26.95 16.77
CA PRO B 203 -2.32 26.78 17.20
C PRO B 203 -1.47 28.05 17.13
N SER B 204 -1.72 28.90 16.15
CA SER B 204 -0.96 30.15 16.00
C SER B 204 -1.74 31.37 16.47
N ASN B 205 -2.90 31.14 17.08
CA ASN B 205 -3.79 32.22 17.52
C ASN B 205 -4.21 33.12 16.35
N THR B 206 -4.45 32.51 15.20
CA THR B 206 -4.84 33.22 13.98
C THR B 206 -6.32 33.04 13.67
N LYS B 207 -7.04 34.16 13.61
CA LYS B 207 -8.43 34.17 13.18
C LYS B 207 -8.62 35.30 12.19
N VAL B 208 -9.05 34.96 10.98
CA VAL B 208 -9.19 35.92 9.89
C VAL B 208 -10.60 35.82 9.30
N ASP B 209 -11.23 36.98 9.10
CA ASP B 209 -12.49 37.06 8.38
C ASP B 209 -12.23 37.84 7.09
N LYS B 210 -12.11 37.13 5.98
CA LYS B 210 -11.77 37.74 4.70
C LYS B 210 -13.00 37.87 3.82
N LYS B 211 -13.38 39.10 3.50
CA LYS B 211 -14.44 39.36 2.53
C LYS B 211 -13.92 39.03 1.13
N VAL B 212 -14.67 38.24 0.38
CA VAL B 212 -14.29 37.89 -0.98
C VAL B 212 -15.25 38.56 -1.96
N GLU B 213 -14.74 39.54 -2.71
CA GLU B 213 -15.56 40.28 -3.67
C GLU B 213 -15.09 40.08 -5.11
N PRO B 214 -15.98 40.32 -6.09
CA PRO B 214 -15.58 40.29 -7.50
C PRO B 214 -14.38 41.20 -7.74
N LYS B 215 -13.42 40.73 -8.55
CA LYS B 215 -12.22 41.50 -8.86
C LYS B 215 -12.54 42.71 -9.76
N SER B 216 -11.90 43.84 -9.47
CA SER B 216 -12.09 45.07 -10.24
C SER B 216 -11.09 45.16 -11.39
N PCA C 1 8.93 5.98 13.64
CA PCA C 1 9.57 6.72 12.56
CB PCA C 1 11.07 6.89 12.82
CG PCA C 1 11.32 6.41 14.24
CD PCA C 1 9.99 5.78 14.62
OE PCA C 1 9.86 5.16 15.67
C PCA C 1 9.38 6.01 11.23
O PCA C 1 9.25 4.78 11.20
N VAL C 2 9.37 6.77 10.14
CA VAL C 2 9.15 6.24 8.80
C VAL C 2 10.27 6.71 7.90
N LEU C 3 10.77 5.82 7.06
CA LEU C 3 11.74 6.18 6.03
C LEU C 3 11.01 6.20 4.71
N THR C 4 11.07 7.34 4.02
CA THR C 4 10.40 7.50 2.74
C THR C 4 11.43 7.52 1.61
N GLN C 5 11.36 6.51 0.74
CA GLN C 5 12.27 6.35 -0.40
C GLN C 5 11.65 6.88 -1.66
N THR C 6 12.37 7.73 -2.37
CA THR C 6 11.92 8.23 -3.66
C THR C 6 13.06 8.20 -4.67
N PRO C 7 12.76 7.82 -5.93
CA PRO C 7 11.46 7.35 -6.42
C PRO C 7 11.26 5.88 -6.04
N SER C 8 10.04 5.38 -6.18
CA SER C 8 9.77 3.97 -5.87
C SER C 8 10.20 3.08 -7.03
N SER C 9 10.39 3.70 -8.19
CA SER C 9 10.83 3.01 -9.39
C SER C 9 11.71 3.94 -10.23
N VAL C 10 12.78 3.39 -10.78
CA VAL C 10 13.66 4.15 -11.67
C VAL C 10 14.24 3.27 -12.77
N SER C 11 14.42 3.86 -13.95
CA SER C 11 15.07 3.19 -15.08
C SER C 11 16.35 3.94 -15.45
N ALA C 12 17.42 3.18 -15.66
CA ALA C 12 18.68 3.78 -16.07
C ALA C 12 19.30 3.03 -17.25
N ALA C 13 19.85 3.79 -18.20
CA ALA C 13 20.61 3.20 -19.28
C ALA C 13 21.91 2.63 -18.73
N VAL C 14 22.41 1.57 -19.36
CA VAL C 14 23.73 1.03 -19.04
C VAL C 14 24.76 2.16 -19.16
N GLY C 15 25.57 2.34 -18.11
CA GLY C 15 26.59 3.38 -18.09
C GLY C 15 26.06 4.69 -17.53
N GLY C 16 24.76 4.74 -17.24
CA GLY C 16 24.15 5.92 -16.66
C GLY C 16 24.28 5.96 -15.14
N THR C 17 23.51 6.85 -14.52
CA THR C 17 23.55 7.05 -13.08
C THR C 17 22.15 6.99 -12.49
N VAL C 18 22.02 6.30 -11.35
CA VAL C 18 20.79 6.21 -10.58
C VAL C 18 20.99 6.92 -9.24
N THR C 19 20.02 7.75 -8.85
CA THR C 19 20.05 8.42 -7.56
C THR C 19 18.79 8.07 -6.77
N ILE C 20 18.97 7.48 -5.60
CA ILE C 20 17.83 7.13 -4.73
C ILE C 20 17.92 7.95 -3.44
N ASN C 21 16.80 8.55 -3.07
CA ASN C 21 16.73 9.41 -1.89
C ASN C 21 15.97 8.72 -0.77
N CYS C 22 16.45 8.89 0.45
CA CYS C 22 15.76 8.35 1.63
C CYS C 22 15.60 9.51 2.62
N GLN C 23 14.34 9.82 2.96
CA GLN C 23 14.05 10.82 3.99
C GLN C 23 13.47 10.15 5.23
N ALA C 24 14.15 10.32 6.37
CA ALA C 24 13.66 9.78 7.64
C ALA C 24 12.79 10.83 8.29
N SER C 25 11.67 10.41 8.90
CA SER C 25 10.74 11.36 9.53
C SER C 25 11.38 12.04 10.75
N GLN C 26 12.34 11.36 11.37
CA GLN C 26 13.15 11.94 12.45
C GLN C 26 14.58 11.41 12.39
N SER C 27 15.53 12.12 12.98
CA SER C 27 16.94 11.80 12.79
C SER C 27 17.32 10.42 13.33
N VAL C 28 18.07 9.68 12.53
CA VAL C 28 18.55 8.35 12.90
C VAL C 28 19.59 8.44 14.03
N TYR C 29 19.77 7.34 14.76
CA TYR C 29 20.72 7.22 15.87
C TYR C 29 22.12 7.66 15.43
N ASN C 30 22.79 8.45 16.28
CA ASN C 30 24.14 8.96 15.99
C ASN C 30 24.23 9.80 14.71
N LYS C 31 23.08 10.15 14.13
CA LYS C 31 22.97 10.87 12.85
C LYS C 31 23.46 10.08 11.61
N ASN C 32 24.01 8.89 11.82
CA ASN C 32 24.62 8.13 10.72
C ASN C 32 24.18 6.65 10.63
N TYR C 33 23.20 6.25 11.42
CA TYR C 33 22.76 4.85 11.41
C TYR C 33 21.77 4.61 10.27
N LEU C 34 22.33 4.51 9.08
CA LEU C 34 21.55 4.33 7.87
C LEU C 34 22.33 3.41 6.94
N ALA C 35 21.70 2.31 6.57
CA ALA C 35 22.32 1.33 5.69
C ALA C 35 21.50 1.20 4.40
N TRP C 36 22.18 0.79 3.32
CA TRP C 36 21.51 0.53 2.05
C TRP C 36 21.68 -0.94 1.69
N TYR C 37 20.57 -1.56 1.29
CA TYR C 37 20.55 -2.97 0.89
C TYR C 37 20.16 -3.11 -0.58
N GLN C 38 20.66 -4.18 -1.19
CA GLN C 38 20.30 -4.55 -2.55
C GLN C 38 19.64 -5.92 -2.48
N GLN C 39 18.44 -6.04 -3.07
CA GLN C 39 17.80 -7.35 -3.17
C GLN C 39 17.59 -7.72 -4.64
N LYS C 40 18.45 -8.61 -5.13
CA LYS C 40 18.38 -9.12 -6.49
C LYS C 40 17.27 -10.17 -6.57
N PRO C 41 16.73 -10.41 -7.79
CA PRO C 41 15.65 -11.41 -7.97
C PRO C 41 16.01 -12.78 -7.39
N GLY C 42 15.12 -13.33 -6.59
CA GLY C 42 15.29 -14.67 -6.00
C GLY C 42 16.38 -14.82 -4.95
N GLN C 43 16.69 -13.74 -4.23
CA GLN C 43 17.80 -13.72 -3.27
C GLN C 43 17.45 -12.95 -2.01
N PRO C 44 18.18 -13.21 -0.90
CA PRO C 44 18.01 -12.34 0.26
C PRO C 44 18.64 -10.97 0.00
N PRO C 45 18.24 -9.94 0.77
CA PRO C 45 18.90 -8.65 0.72
C PRO C 45 20.38 -8.77 1.09
N LYS C 46 21.22 -7.95 0.46
CA LYS C 46 22.64 -7.91 0.73
C LYS C 46 23.03 -6.46 1.05
N ARG C 47 23.74 -6.27 2.16
CA ARG C 47 24.17 -4.93 2.58
C ARG C 47 25.18 -4.35 1.59
N LEU C 48 24.99 -3.08 1.23
CA LEU C 48 25.89 -2.38 0.30
C LEU C 48 26.74 -1.36 1.04
N ILE C 49 26.07 -0.59 1.89
CA ILE C 49 26.62 0.56 2.58
C ILE C 49 26.07 0.56 3.98
N TYR C 50 26.90 0.96 4.95
CA TYR C 50 26.42 1.22 6.30
C TYR C 50 27.01 2.51 6.82
N SER C 51 26.54 2.95 7.99
CA SER C 51 26.95 4.23 8.57
C SER C 51 26.85 5.35 7.54
N ALA C 52 25.74 5.30 6.77
CA ALA C 52 25.42 6.29 5.72
C ALA C 52 26.35 6.29 4.49
N SER C 53 27.66 6.13 4.70
CA SER C 53 28.63 6.31 3.60
C SER C 53 29.77 5.28 3.55
N THR C 54 29.77 4.32 4.45
CA THR C 54 30.83 3.31 4.46
C THR C 54 30.48 2.16 3.52
N LEU C 55 31.34 1.96 2.52
CA LEU C 55 31.13 0.91 1.53
C LEU C 55 31.45 -0.44 2.17
N ALA C 56 30.51 -1.38 2.12
CA ALA C 56 30.74 -2.68 2.72
C ALA C 56 31.75 -3.50 1.92
N SER C 57 32.38 -4.45 2.61
CA SER C 57 33.41 -5.30 2.02
C SER C 57 32.88 -6.07 0.81
N GLY C 58 33.64 -6.04 -0.27
CA GLY C 58 33.31 -6.77 -1.50
C GLY C 58 32.11 -6.21 -2.27
N VAL C 59 31.83 -4.92 -2.07
CA VAL C 59 30.80 -4.23 -2.82
C VAL C 59 31.49 -3.30 -3.81
N SER C 60 30.93 -3.18 -5.01
CA SER C 60 31.48 -2.32 -6.05
C SER C 60 31.63 -0.86 -5.62
N SER C 61 32.74 -0.26 -6.02
CA SER C 61 33.03 1.16 -5.81
C SER C 61 32.02 2.09 -6.49
N ARG C 62 31.20 1.55 -7.38
CA ARG C 62 30.17 2.31 -8.09
C ARG C 62 29.00 2.76 -7.19
N PHE C 63 28.86 2.12 -6.03
CA PHE C 63 27.85 2.48 -5.05
C PHE C 63 28.41 3.49 -4.05
N LYS C 64 27.69 4.59 -3.87
CA LYS C 64 28.12 5.65 -2.96
C LYS C 64 26.94 6.13 -2.12
N GLY C 65 27.13 6.12 -0.80
CA GLY C 65 26.13 6.64 0.12
C GLY C 65 26.57 7.99 0.64
N SER C 66 25.62 8.90 0.81
CA SER C 66 25.90 10.21 1.40
C SER C 66 24.74 10.67 2.27
N GLY C 67 25.00 11.68 3.10
CA GLY C 67 23.96 12.33 3.90
C GLY C 67 24.13 12.07 5.38
N SER C 68 23.27 12.71 6.17
CA SER C 68 23.26 12.52 7.62
C SER C 68 21.93 13.00 8.19
N GLY C 69 21.61 12.54 9.40
CA GLY C 69 20.43 13.01 10.13
C GLY C 69 19.13 12.43 9.59
N THR C 70 18.49 13.16 8.69
CA THR C 70 17.20 12.76 8.12
C THR C 70 17.23 12.62 6.58
N GLN C 71 18.31 13.07 5.97
CA GLN C 71 18.40 13.13 4.51
C GLN C 71 19.59 12.34 3.99
N PHE C 72 19.31 11.33 3.16
CA PHE C 72 20.31 10.39 2.69
C PHE C 72 20.13 10.06 1.21
N THR C 73 21.25 9.74 0.55
CA THR C 73 21.24 9.41 -0.85
C THR C 73 22.12 8.19 -1.18
N LEU C 74 21.61 7.31 -2.03
CA LEU C 74 22.42 6.28 -2.67
C LEU C 74 22.59 6.63 -4.14
N THR C 75 23.84 6.69 -4.60
CA THR C 75 24.16 6.94 -6.00
C THR C 75 24.81 5.70 -6.57
N ILE C 76 24.24 5.19 -7.67
CA ILE C 76 24.86 4.11 -8.42
C ILE C 76 25.41 4.73 -9.70
N SER C 77 26.73 4.68 -9.85
CA SER C 77 27.40 5.19 -11.04
C SER C 77 27.64 4.08 -12.05
N ASP C 78 27.85 4.45 -13.32
CA ASP C 78 28.25 3.50 -14.34
C ASP C 78 27.39 2.24 -14.29
N VAL C 79 26.07 2.45 -14.33
CA VAL C 79 25.06 1.39 -14.20
C VAL C 79 25.35 0.19 -15.10
N GLN C 80 25.29 -1.00 -14.50
CA GLN C 80 25.52 -2.26 -15.18
C GLN C 80 24.26 -3.12 -15.13
N CYS C 81 24.15 -4.07 -16.05
CA CYS C 81 22.97 -4.95 -16.12
C CYS C 81 22.69 -5.72 -14.83
N ASP C 82 23.75 -6.03 -14.07
CA ASP C 82 23.56 -6.77 -12.82
C ASP C 82 23.15 -5.92 -11.63
N ASP C 83 22.97 -4.62 -11.85
CA ASP C 83 22.43 -3.71 -10.84
C ASP C 83 20.91 -3.82 -10.70
N VAL C 84 20.28 -4.60 -11.58
CA VAL C 84 18.85 -4.86 -11.52
C VAL C 84 18.51 -5.51 -10.18
N ALA C 85 17.67 -4.82 -9.42
CA ALA C 85 17.37 -5.18 -8.03
C ALA C 85 16.38 -4.19 -7.44
N THR C 86 15.87 -4.52 -6.26
CA THR C 86 15.15 -3.56 -5.44
C THR C 86 16.09 -3.13 -4.32
N TYR C 87 16.20 -1.82 -4.13
CA TYR C 87 17.08 -1.25 -3.13
C TYR C 87 16.28 -0.72 -1.96
N TYR C 88 16.76 -0.97 -0.74
CA TYR C 88 16.08 -0.53 0.48
C TYR C 88 17.05 0.24 1.37
N CYS C 89 16.57 1.33 1.98
CA CYS C 89 17.32 1.96 3.06
C CYS C 89 16.83 1.37 4.39
N LEU C 90 17.71 1.40 5.40
CA LEU C 90 17.41 0.89 6.74
C LEU C 90 17.95 1.87 7.77
N GLY C 91 17.04 2.46 8.52
CA GLY C 91 17.42 3.45 9.53
C GLY C 91 17.25 2.85 10.91
N SER C 92 18.16 3.22 11.81
CA SER C 92 18.10 2.73 13.18
C SER C 92 17.97 3.88 14.16
N TYR C 93 17.33 3.58 15.28
CA TYR C 93 17.00 4.58 16.30
C TYR C 93 17.31 4.05 17.69
N ASP C 94 17.39 4.96 18.66
CA ASP C 94 17.45 4.60 20.07
C ASP C 94 16.18 3.84 20.42
N CYS C 95 16.37 2.56 20.71
CA CYS C 95 15.28 1.63 21.04
C CYS C 95 14.36 2.06 22.20
N ASN C 96 14.86 2.91 23.10
CA ASN C 96 14.06 3.42 24.21
C ASN C 96 13.24 4.66 23.86
N ARG C 97 13.54 5.26 22.71
CA ARG C 97 12.93 6.53 22.31
C ARG C 97 11.99 6.37 21.11
N ALA C 98 12.21 5.31 20.35
CA ALA C 98 11.56 5.09 19.06
C ALA C 98 11.67 3.62 18.65
N GLU C 99 11.13 3.27 17.48
CA GLU C 99 11.28 1.92 16.94
C GLU C 99 12.76 1.69 16.65
N CYS C 100 13.28 0.49 16.96
CA CYS C 100 14.70 0.19 16.79
C CYS C 100 15.20 0.34 15.36
N HIS C 101 14.43 -0.22 14.42
CA HIS C 101 14.79 -0.21 13.01
C HIS C 101 13.56 0.02 12.13
N ALA C 102 13.78 0.62 10.97
CA ALA C 102 12.71 0.88 10.01
C ALA C 102 13.29 0.82 8.62
N PHE C 103 12.66 0.05 7.74
CA PHE C 103 13.08 -0.04 6.34
C PHE C 103 12.31 0.98 5.51
N GLY C 104 12.98 1.56 4.51
CA GLY C 104 12.29 2.30 3.45
C GLY C 104 11.41 1.35 2.65
N GLY C 105 10.53 1.88 1.83
CA GLY C 105 9.57 1.07 1.07
C GLY C 105 10.16 0.35 -0.13
N GLY C 106 11.38 0.70 -0.52
CA GLY C 106 12.05 0.03 -1.65
C GLY C 106 11.99 0.83 -2.94
N THR C 107 13.07 0.76 -3.71
CA THR C 107 13.13 1.35 -5.04
C THR C 107 13.55 0.27 -6.02
N LYS C 108 12.65 -0.06 -6.94
CA LYS C 108 12.92 -1.04 -7.98
C LYS C 108 13.72 -0.39 -9.10
N VAL C 109 14.90 -0.94 -9.38
CA VAL C 109 15.77 -0.44 -10.43
C VAL C 109 15.79 -1.39 -11.60
N VAL C 110 15.46 -0.87 -12.78
CA VAL C 110 15.54 -1.63 -14.00
C VAL C 110 16.49 -0.95 -14.98
N VAL C 111 17.07 -1.74 -15.89
CA VAL C 111 17.93 -1.19 -16.93
C VAL C 111 17.06 -0.79 -18.10
N GLU C 112 17.24 0.45 -18.56
CA GLU C 112 16.49 0.97 -19.70
C GLU C 112 17.32 0.83 -20.97
N VAL C 113 16.67 0.35 -22.03
CA VAL C 113 17.29 0.27 -23.35
C VAL C 113 16.50 1.13 -24.34
N ARG C 114 17.22 1.97 -25.07
CA ARG C 114 16.64 2.89 -26.06
C ARG C 114 15.84 2.15 -27.14
N THR C 115 16.42 1.06 -27.64
CA THR C 115 15.79 0.25 -28.69
C THR C 115 14.99 -0.92 -28.10
N VAL C 116 14.33 -1.68 -28.97
CA VAL C 116 13.45 -2.77 -28.54
C VAL C 116 13.95 -4.14 -29.01
N ALA C 117 13.39 -5.20 -28.42
CA ALA C 117 13.75 -6.57 -28.78
C ALA C 117 12.50 -7.44 -28.89
N ALA C 118 12.29 -8.00 -30.08
CA ALA C 118 11.13 -8.85 -30.36
C ALA C 118 11.23 -10.19 -29.65
N PRO C 119 10.11 -10.70 -29.11
CA PRO C 119 10.13 -12.02 -28.47
C PRO C 119 10.25 -13.15 -29.48
N SER C 120 10.89 -14.25 -29.06
CA SER C 120 10.75 -15.53 -29.74
C SER C 120 9.50 -16.19 -29.18
N VAL C 121 8.68 -16.79 -30.04
CA VAL C 121 7.41 -17.35 -29.61
C VAL C 121 7.34 -18.86 -29.82
N PHE C 122 6.94 -19.57 -28.78
CA PHE C 122 6.81 -21.03 -28.80
C PHE C 122 5.45 -21.44 -28.25
N ILE C 123 4.85 -22.47 -28.86
CA ILE C 123 3.59 -23.01 -28.37
C ILE C 123 3.72 -24.51 -28.05
N PHE C 124 3.11 -24.94 -26.95
CA PHE C 124 3.18 -26.33 -26.52
C PHE C 124 1.77 -26.89 -26.37
N PRO C 125 1.45 -27.96 -27.12
CA PRO C 125 0.17 -28.63 -26.94
C PRO C 125 0.11 -29.31 -25.57
N PRO C 126 -1.11 -29.61 -25.08
CA PRO C 126 -1.23 -30.39 -23.85
C PRO C 126 -0.65 -31.79 -24.02
N SER C 127 -0.03 -32.32 -22.96
CA SER C 127 0.57 -33.64 -22.99
C SER C 127 -0.48 -34.75 -23.01
N ASP C 128 -0.10 -35.91 -23.52
CA ASP C 128 -0.95 -37.11 -23.48
C ASP C 128 -1.32 -37.46 -22.04
N GLU C 129 -0.37 -37.25 -21.13
CA GLU C 129 -0.54 -37.52 -19.70
C GLU C 129 -1.64 -36.66 -19.06
N GLN C 130 -1.64 -35.37 -19.37
CA GLN C 130 -2.67 -34.47 -18.83
C GLN C 130 -4.07 -34.78 -19.35
N LEU C 131 -4.18 -34.98 -20.67
CA LEU C 131 -5.46 -35.33 -21.31
C LEU C 131 -6.12 -36.54 -20.63
N LYS C 132 -5.28 -37.51 -20.26
CA LYS C 132 -5.72 -38.71 -19.54
C LYS C 132 -6.44 -38.34 -18.22
N SER C 133 -5.92 -37.35 -17.51
CA SER C 133 -6.49 -36.91 -16.23
C SER C 133 -7.78 -36.09 -16.38
N GLY C 134 -8.06 -35.62 -17.58
CA GLY C 134 -9.31 -34.91 -17.88
C GLY C 134 -9.23 -33.40 -18.01
N THR C 135 -8.01 -32.90 -18.22
CA THR C 135 -7.79 -31.46 -18.40
C THR C 135 -6.83 -31.23 -19.56
N ALA C 136 -6.90 -30.04 -20.17
CA ALA C 136 -5.95 -29.65 -21.21
C ALA C 136 -5.42 -28.23 -21.00
N SER C 137 -4.10 -28.13 -20.82
CA SER C 137 -3.44 -26.84 -20.74
C SER C 137 -2.59 -26.62 -21.98
N VAL C 138 -2.76 -25.47 -22.61
CA VAL C 138 -1.93 -25.07 -23.73
C VAL C 138 -1.01 -23.94 -23.25
N VAL C 139 0.28 -24.01 -23.59
CA VAL C 139 1.26 -23.04 -23.10
C VAL C 139 1.91 -22.26 -24.25
N CYS C 140 1.95 -20.94 -24.10
CA CYS C 140 2.63 -20.06 -25.05
C CYS C 140 3.79 -19.37 -24.34
N LEU C 141 4.99 -19.52 -24.90
CA LEU C 141 6.22 -18.94 -24.33
C LEU C 141 6.74 -17.78 -25.18
N LEU C 142 6.94 -16.63 -24.53
CA LEU C 142 7.56 -15.47 -25.16
C LEU C 142 8.93 -15.27 -24.52
N ASN C 143 9.97 -15.36 -25.33
CA ASN C 143 11.33 -15.43 -24.81
C ASN C 143 12.20 -14.23 -25.17
N ASN C 144 12.83 -13.65 -24.15
CA ASN C 144 13.87 -12.64 -24.32
C ASN C 144 13.44 -11.39 -25.11
N PHE C 145 12.45 -10.67 -24.56
CA PHE C 145 11.92 -9.46 -25.21
C PHE C 145 12.10 -8.20 -24.37
N TYR C 146 12.03 -7.03 -25.02
CA TYR C 146 12.04 -5.73 -24.36
C TYR C 146 11.30 -4.69 -25.20
N PRO C 147 10.47 -3.83 -24.57
CA PRO C 147 10.13 -3.69 -23.14
C PRO C 147 9.21 -4.79 -22.61
N ARG C 148 8.90 -4.71 -21.31
CA ARG C 148 8.10 -5.71 -20.60
C ARG C 148 6.68 -5.84 -21.13
N GLU C 149 6.12 -4.71 -21.56
CA GLU C 149 4.73 -4.65 -22.02
C GLU C 149 4.53 -5.54 -23.24
N ALA C 150 3.62 -6.50 -23.12
CA ALA C 150 3.32 -7.46 -24.18
C ALA C 150 1.88 -7.93 -24.09
N LYS C 151 1.30 -8.29 -25.22
CA LYS C 151 -0.08 -8.73 -25.26
C LYS C 151 -0.18 -10.14 -25.83
N VAL C 152 -0.68 -11.07 -25.02
CA VAL C 152 -0.91 -12.45 -25.46
C VAL C 152 -2.41 -12.72 -25.56
N GLN C 153 -2.87 -13.04 -26.76
CA GLN C 153 -4.28 -13.35 -26.99
C GLN C 153 -4.45 -14.78 -27.46
N TRP C 154 -5.20 -15.55 -26.70
CA TRP C 154 -5.53 -16.91 -27.06
C TRP C 154 -6.71 -16.96 -28.02
N LYS C 155 -6.53 -17.67 -29.13
CA LYS C 155 -7.59 -17.88 -30.11
C LYS C 155 -7.84 -19.38 -30.28
N VAL C 156 -9.10 -19.77 -30.17
CA VAL C 156 -9.51 -21.16 -30.33
C VAL C 156 -10.57 -21.23 -31.42
N ASP C 157 -10.21 -21.82 -32.56
CA ASP C 157 -11.00 -21.73 -33.79
C ASP C 157 -11.34 -20.28 -34.14
N ASN C 158 -10.33 -19.42 -33.95
CA ASN C 158 -10.43 -17.96 -34.16
C ASN C 158 -11.45 -17.23 -33.25
N ALA C 159 -11.64 -17.74 -32.05
CA ALA C 159 -12.49 -17.10 -31.05
C ALA C 159 -11.67 -16.67 -29.83
N LEU C 160 -11.64 -15.36 -29.57
CA LEU C 160 -10.79 -14.77 -28.53
C LEU C 160 -11.21 -15.19 -27.12
N GLN C 161 -10.28 -15.79 -26.38
CA GLN C 161 -10.55 -16.36 -25.06
C GLN C 161 -10.52 -15.32 -23.95
N SER C 162 -11.34 -15.55 -22.93
CA SER C 162 -11.45 -14.64 -21.79
C SER C 162 -11.64 -15.40 -20.47
N GLY C 163 -10.78 -15.12 -19.49
CA GLY C 163 -10.92 -15.64 -18.13
C GLY C 163 -10.60 -17.09 -17.90
N ASN C 164 -9.88 -17.72 -18.83
CA ASN C 164 -9.43 -19.11 -18.68
C ASN C 164 -7.93 -19.29 -18.89
N SER C 165 -7.24 -18.17 -19.08
CA SER C 165 -5.78 -18.18 -19.19
C SER C 165 -5.14 -17.28 -18.16
N GLN C 166 -3.91 -17.62 -17.78
CA GLN C 166 -3.13 -16.80 -16.89
C GLN C 166 -1.72 -16.69 -17.45
N GLU C 167 -1.06 -15.59 -17.14
CA GLU C 167 0.30 -15.36 -17.60
C GLU C 167 1.22 -14.98 -16.45
N SER C 168 2.52 -15.21 -16.66
CA SER C 168 3.55 -14.95 -15.69
C SER C 168 4.74 -14.34 -16.41
N VAL C 169 5.35 -13.32 -15.81
CA VAL C 169 6.50 -12.65 -16.41
C VAL C 169 7.69 -12.79 -15.48
N THR C 170 8.87 -13.05 -16.05
CA THR C 170 10.10 -13.08 -15.27
C THR C 170 10.50 -11.68 -14.80
N GLU C 171 11.43 -11.61 -13.86
CA GLU C 171 12.11 -10.37 -13.54
C GLU C 171 13.10 -10.08 -14.66
N GLN C 172 13.54 -8.82 -14.77
CA GLN C 172 14.49 -8.45 -15.82
C GLN C 172 15.80 -9.21 -15.66
N ASP C 173 16.29 -9.76 -16.77
CA ASP C 173 17.51 -10.55 -16.79
C ASP C 173 18.72 -9.67 -16.51
N SER C 174 19.61 -10.17 -15.67
CA SER C 174 20.80 -9.42 -15.26
C SER C 174 21.95 -9.52 -16.27
N LYS C 175 21.79 -10.34 -17.30
CA LYS C 175 22.81 -10.50 -18.35
C LYS C 175 22.48 -9.75 -19.64
N ASP C 176 21.24 -9.88 -20.12
CA ASP C 176 20.83 -9.24 -21.38
C ASP C 176 19.71 -8.22 -21.24
N SER C 177 19.21 -8.05 -20.01
CA SER C 177 18.20 -7.04 -19.67
C SER C 177 16.83 -7.28 -20.30
N THR C 178 16.53 -8.53 -20.64
CA THR C 178 15.26 -8.85 -21.30
C THR C 178 14.30 -9.56 -20.36
N TYR C 179 13.05 -9.65 -20.78
CA TYR C 179 12.03 -10.36 -20.03
C TYR C 179 11.60 -11.60 -20.81
N SER C 180 11.01 -12.55 -20.09
CA SER C 180 10.33 -13.68 -20.69
C SER C 180 8.94 -13.80 -20.07
N LEU C 181 8.02 -14.41 -20.81
CA LEU C 181 6.64 -14.51 -20.39
C LEU C 181 6.05 -15.89 -20.73
N SER C 182 5.30 -16.45 -19.79
CA SER C 182 4.63 -17.72 -19.98
C SER C 182 3.12 -17.56 -19.80
N SER C 183 2.36 -18.01 -20.79
CA SER C 183 0.89 -17.95 -20.73
C SER C 183 0.31 -19.36 -20.87
N THR C 184 -0.63 -19.70 -19.97
CA THR C 184 -1.29 -21.01 -19.98
C THR C 184 -2.80 -20.87 -20.15
N LEU C 185 -3.33 -21.45 -21.22
CA LEU C 185 -4.76 -21.57 -21.42
C LEU C 185 -5.20 -22.93 -20.86
N THR C 186 -6.20 -22.92 -19.99
CA THR C 186 -6.67 -24.16 -19.36
C THR C 186 -8.15 -24.41 -19.66
N LEU C 187 -8.38 -25.55 -20.31
CA LEU C 187 -9.73 -26.01 -20.64
C LEU C 187 -9.90 -27.46 -20.16
N SER C 188 -11.13 -27.88 -19.98
CA SER C 188 -11.41 -29.28 -19.68
C SER C 188 -11.19 -30.12 -20.94
N LYS C 189 -10.85 -31.40 -20.75
CA LYS C 189 -10.66 -32.35 -21.85
C LYS C 189 -11.85 -32.32 -22.82
N ALA C 190 -13.07 -32.27 -22.27
CA ALA C 190 -14.30 -32.24 -23.04
C ALA C 190 -14.47 -30.95 -23.86
N ASP C 191 -14.03 -29.82 -23.29
CA ASP C 191 -14.06 -28.54 -24.00
C ASP C 191 -12.97 -28.48 -25.07
N TYR C 192 -11.83 -29.10 -24.77
CA TYR C 192 -10.66 -29.12 -25.66
C TYR C 192 -10.94 -29.88 -26.97
N GLU C 193 -11.68 -30.97 -26.86
CA GLU C 193 -11.93 -31.85 -28.00
C GLU C 193 -13.03 -31.36 -28.94
N LYS C 194 -13.71 -30.28 -28.54
CA LYS C 194 -14.75 -29.66 -29.38
C LYS C 194 -14.13 -28.83 -30.51
N HIS C 195 -12.90 -28.36 -30.28
CA HIS C 195 -12.27 -27.39 -31.17
C HIS C 195 -11.01 -27.94 -31.86
N LYS C 196 -10.61 -27.31 -32.96
CA LYS C 196 -9.46 -27.75 -33.74
C LYS C 196 -8.22 -26.88 -33.59
N VAL C 197 -8.32 -25.62 -34.02
CA VAL C 197 -7.16 -24.72 -34.09
C VAL C 197 -6.94 -23.99 -32.78
N TYR C 198 -5.72 -24.13 -32.24
CA TYR C 198 -5.30 -23.47 -31.01
C TYR C 198 -4.14 -22.53 -31.30
N ALA C 199 -4.33 -21.25 -30.98
CA ALA C 199 -3.41 -20.18 -31.37
C ALA C 199 -3.13 -19.19 -30.26
N CYS C 200 -1.88 -18.76 -30.16
CA CYS C 200 -1.49 -17.66 -29.29
C CYS C 200 -0.99 -16.50 -30.17
N GLU C 201 -1.68 -15.36 -30.08
CA GLU C 201 -1.33 -14.18 -30.86
C GLU C 201 -0.60 -13.19 -29.97
N VAL C 202 0.59 -12.77 -30.43
CA VAL C 202 1.51 -11.99 -29.62
C VAL C 202 1.70 -10.60 -30.22
N THR C 203 1.26 -9.60 -29.46
CA THR C 203 1.51 -8.21 -29.81
C THR C 203 2.61 -7.68 -28.92
N HIS C 204 3.62 -7.10 -29.54
CA HIS C 204 4.76 -6.51 -28.84
C HIS C 204 5.38 -5.42 -29.71
N GLN C 205 5.96 -4.42 -29.06
CA GLN C 205 6.55 -3.27 -29.75
C GLN C 205 7.65 -3.64 -30.74
N GLY C 206 8.37 -4.71 -30.44
CA GLY C 206 9.47 -5.18 -31.29
C GLY C 206 9.01 -5.82 -32.58
N LEU C 207 7.72 -6.10 -32.66
CA LEU C 207 7.10 -6.68 -33.84
C LEU C 207 6.26 -5.63 -34.53
N SER C 208 6.55 -5.39 -35.81
CA SER C 208 5.79 -4.44 -36.62
C SER C 208 4.33 -4.87 -36.76
N SER C 209 4.12 -6.18 -36.88
CA SER C 209 2.77 -6.76 -36.93
C SER C 209 2.71 -7.98 -36.00
N PRO C 210 1.51 -8.24 -35.42
CA PRO C 210 1.37 -9.36 -34.49
C PRO C 210 1.78 -10.70 -35.09
N VAL C 211 2.51 -11.50 -34.34
CA VAL C 211 2.86 -12.85 -34.79
C VAL C 211 1.99 -13.90 -34.10
N THR C 212 1.61 -14.92 -34.86
CA THR C 212 0.76 -16.00 -34.36
C THR C 212 1.48 -17.35 -34.46
N LYS C 213 1.42 -18.12 -33.38
CA LYS C 213 1.85 -19.51 -33.40
C LYS C 213 0.66 -20.39 -33.09
N SER C 214 0.50 -21.47 -33.86
CA SER C 214 -0.69 -22.31 -33.75
C SER C 214 -0.42 -23.78 -34.04
N PHE C 215 -1.38 -24.62 -33.64
CA PHE C 215 -1.38 -26.03 -33.99
C PHE C 215 -2.82 -26.51 -34.07
N ASN C 216 -3.05 -27.61 -34.79
CA ASN C 216 -4.37 -28.24 -34.83
C ASN C 216 -4.40 -29.45 -33.91
N ARG C 217 -5.46 -29.55 -33.10
CA ARG C 217 -5.58 -30.63 -32.11
C ARG C 217 -5.55 -31.99 -32.82
N GLY C 218 -4.63 -32.86 -32.38
CA GLY C 218 -4.46 -34.17 -33.01
C GLY C 218 -3.27 -34.19 -33.95
N GLU C 219 -3.26 -33.27 -34.91
CA GLU C 219 -2.15 -33.11 -35.83
C GLU C 219 -1.22 -31.99 -35.37
N PCA D 1 30.14 -19.13 9.63
CA PCA D 1 29.72 -18.04 8.73
CB PCA D 1 30.72 -17.85 7.58
CG PCA D 1 31.85 -18.84 7.82
CD PCA D 1 31.35 -19.64 8.99
OE PCA D 1 31.93 -20.65 9.38
C PCA D 1 28.30 -18.20 8.19
O PCA D 1 27.72 -17.22 7.73
N SER D 2 27.75 -19.41 8.23
CA SER D 2 26.42 -19.64 7.65
C SER D 2 25.28 -19.31 8.60
N VAL D 3 24.18 -18.83 8.03
CA VAL D 3 22.92 -18.68 8.76
C VAL D 3 21.82 -19.26 7.85
N GLU D 4 20.93 -20.04 8.44
CA GLU D 4 19.91 -20.74 7.66
C GLU D 4 18.61 -20.84 8.44
N GLU D 5 17.52 -20.39 7.81
CA GLU D 5 16.18 -20.49 8.39
C GLU D 5 15.52 -21.82 8.05
N SER D 6 14.71 -22.33 8.97
CA SER D 6 13.87 -23.50 8.72
C SER D 6 12.56 -23.42 9.51
N GLY D 7 11.64 -24.32 9.21
CA GLY D 7 10.36 -24.38 9.94
C GLY D 7 9.20 -23.75 9.19
N GLY D 8 9.49 -23.05 8.10
CA GLY D 8 8.45 -22.41 7.28
C GLY D 8 7.50 -23.43 6.68
N ARG D 9 6.21 -23.30 6.95
CA ARG D 9 5.24 -24.26 6.45
C ARG D 9 3.83 -23.66 6.44
N LEU D 10 2.88 -24.47 5.99
CA LEU D 10 1.48 -24.06 5.97
C LEU D 10 0.82 -24.39 7.31
N VAL D 11 0.22 -23.37 7.93
CA VAL D 11 -0.56 -23.53 9.16
C VAL D 11 -1.90 -22.80 9.01
N THR D 12 -2.93 -23.30 9.69
CA THR D 12 -4.21 -22.61 9.75
C THR D 12 -4.06 -21.43 10.70
N PRO D 13 -4.90 -20.38 10.54
CA PRO D 13 -4.83 -19.25 11.49
C PRO D 13 -4.99 -19.69 12.96
N GLY D 14 -4.20 -19.10 13.86
CA GLY D 14 -4.27 -19.41 15.29
C GLY D 14 -3.41 -20.58 15.77
N THR D 15 -2.80 -21.30 14.84
CA THR D 15 -1.97 -22.46 15.17
C THR D 15 -0.54 -22.00 15.48
N PRO D 16 -0.06 -22.21 16.73
CA PRO D 16 1.28 -21.74 17.10
C PRO D 16 2.38 -22.33 16.20
N LEU D 17 3.30 -21.48 15.74
CA LEU D 17 4.30 -21.88 14.75
C LEU D 17 5.68 -21.39 15.15
N THR D 18 6.65 -22.29 15.14
CA THR D 18 8.02 -21.95 15.52
C THR D 18 8.97 -22.10 14.34
N LEU D 19 9.66 -21.00 14.04
CA LEU D 19 10.69 -20.99 13.00
C LEU D 19 12.05 -21.00 13.70
N THR D 20 13.05 -21.50 13.00
CA THR D 20 14.38 -21.65 13.57
C THR D 20 15.43 -21.04 12.67
N CYS D 21 16.34 -20.28 13.26
CA CYS D 21 17.54 -19.82 12.59
C CYS D 21 18.72 -20.60 13.14
N THR D 22 19.44 -21.29 12.26
CA THR D 22 20.58 -22.11 12.64
C THR D 22 21.85 -21.43 12.16
N VAL D 23 22.78 -21.21 13.08
CA VAL D 23 24.08 -20.63 12.72
C VAL D 23 25.17 -21.70 12.81
N SER D 24 26.24 -21.54 12.04
CA SER D 24 27.43 -22.40 12.13
C SER D 24 28.70 -21.57 11.97
N GLY D 25 29.74 -21.96 12.71
CA GLY D 25 31.07 -21.35 12.58
C GLY D 25 31.28 -20.09 13.38
N PHE D 26 30.32 -19.74 14.23
CA PHE D 26 30.44 -18.60 15.13
C PHE D 26 29.46 -18.73 16.29
N SER D 27 29.77 -18.05 17.40
CA SER D 27 28.93 -18.08 18.61
C SER D 27 27.83 -17.01 18.62
N LEU D 28 26.67 -17.34 19.17
CA LEU D 28 25.60 -16.36 19.35
C LEU D 28 26.00 -15.25 20.33
N SER D 29 27.03 -15.49 21.13
CA SER D 29 27.56 -14.47 22.02
C SER D 29 28.53 -13.52 21.29
N SER D 30 28.79 -13.78 20.01
CA SER D 30 29.70 -12.93 19.23
C SER D 30 28.97 -11.94 18.33
N TYR D 31 27.80 -12.34 17.82
CA TYR D 31 27.04 -11.52 16.88
C TYR D 31 25.54 -11.47 17.22
N PRO D 32 24.89 -10.30 17.03
CA PRO D 32 23.43 -10.21 17.21
C PRO D 32 22.68 -10.84 16.04
N MET D 33 21.49 -11.36 16.33
CA MET D 33 20.64 -11.94 15.29
C MET D 33 19.30 -11.21 15.24
N ASN D 34 18.75 -11.08 14.02
CA ASN D 34 17.50 -10.36 13.80
C ASN D 34 16.59 -11.16 12.92
N TRP D 35 15.29 -10.98 13.15
CA TRP D 35 14.29 -11.53 12.26
C TRP D 35 13.63 -10.41 11.45
N VAL D 36 13.49 -10.67 10.16
CA VAL D 36 12.91 -9.74 9.20
C VAL D 36 11.97 -10.54 8.32
N ARG D 37 10.83 -9.97 7.95
CA ARG D 37 9.98 -10.67 7.01
C ARG D 37 9.67 -9.85 5.77
N GLN D 38 9.21 -10.55 4.74
CA GLN D 38 8.82 -9.96 3.47
C GLN D 38 7.58 -10.68 2.93
N ALA D 39 6.45 -9.97 2.88
CA ALA D 39 5.24 -10.52 2.27
C ALA D 39 5.45 -10.61 0.75
N PRO D 40 4.79 -11.58 0.07
CA PRO D 40 5.02 -11.76 -1.38
C PRO D 40 4.83 -10.46 -2.17
N GLY D 41 5.86 -10.07 -2.92
CA GLY D 41 5.84 -8.83 -3.70
C GLY D 41 5.84 -7.52 -2.92
N LYS D 42 6.08 -7.59 -1.61
CA LYS D 42 6.11 -6.38 -0.76
C LYS D 42 7.51 -6.11 -0.20
N GLY D 43 7.61 -5.12 0.68
CA GLY D 43 8.89 -4.68 1.24
C GLY D 43 9.35 -5.45 2.47
N LEU D 44 10.46 -4.99 3.04
CA LEU D 44 11.04 -5.63 4.22
C LEU D 44 10.52 -5.01 5.50
N GLU D 45 10.37 -5.84 6.53
CA GLU D 45 9.82 -5.42 7.82
C GLU D 45 10.56 -6.12 8.97
N TRP D 46 11.23 -5.33 9.80
CA TRP D 46 11.92 -5.85 10.97
C TRP D 46 10.91 -6.35 12.01
N ILE D 47 11.13 -7.55 12.53
CA ILE D 47 10.26 -8.12 13.56
C ILE D 47 10.82 -7.90 14.96
N GLY D 48 12.11 -8.23 15.11
CA GLY D 48 12.75 -8.22 16.41
C GLY D 48 14.14 -8.83 16.32
N GLY D 49 14.84 -8.84 17.44
CA GLY D 49 16.17 -9.42 17.45
C GLY D 49 16.74 -9.65 18.83
N ILE D 50 17.87 -10.35 18.86
CA ILE D 50 18.51 -10.74 20.10
C ILE D 50 19.97 -10.30 20.05
N GLY D 51 20.43 -9.64 21.11
CA GLY D 51 21.80 -9.15 21.18
C GLY D 51 22.75 -10.18 21.74
N THR D 52 24.04 -9.84 21.77
CA THR D 52 25.11 -10.70 22.28
C THR D 52 24.99 -11.01 23.78
N SER D 53 24.28 -10.15 24.52
CA SER D 53 24.07 -10.34 25.95
C SER D 53 22.77 -11.10 26.25
N GLY D 54 22.04 -11.45 25.20
CA GLY D 54 20.78 -12.18 25.35
C GLY D 54 19.53 -11.32 25.47
N ASN D 55 19.69 -10.00 25.39
CA ASN D 55 18.57 -9.05 25.42
C ASN D 55 17.74 -9.04 24.13
N ILE D 56 16.43 -9.04 24.30
CA ILE D 56 15.51 -9.19 23.17
C ILE D 56 14.73 -7.88 22.91
N TRP D 57 14.75 -7.42 21.65
CA TRP D 57 14.01 -6.22 21.23
C TRP D 57 12.97 -6.60 20.16
N TYR D 58 11.83 -5.91 20.19
CA TYR D 58 10.72 -6.15 19.26
C TYR D 58 10.26 -4.86 18.59
N ALA D 59 9.85 -4.95 17.33
CA ALA D 59 9.06 -3.88 16.70
C ALA D 59 7.73 -3.83 17.42
N SER D 60 7.19 -2.65 17.65
CA SER D 60 5.95 -2.53 18.44
C SER D 60 4.82 -3.41 17.91
N TRP D 61 4.63 -3.42 16.59
CA TRP D 61 3.54 -4.21 15.98
C TRP D 61 3.67 -5.69 16.30
N ALA D 62 4.91 -6.16 16.51
CA ALA D 62 5.19 -7.58 16.70
C ALA D 62 5.00 -8.07 18.13
N LYS D 63 4.90 -7.15 19.08
CA LYS D 63 4.74 -7.51 20.49
C LYS D 63 3.47 -8.31 20.73
N GLY D 64 3.58 -9.37 21.51
CA GLY D 64 2.45 -10.28 21.74
C GLY D 64 2.27 -11.29 20.62
N ARG D 65 2.59 -10.89 19.38
CA ARG D 65 2.43 -11.78 18.21
C ARG D 65 3.62 -12.68 17.94
N PHE D 66 4.82 -12.22 18.29
CA PHE D 66 6.05 -12.99 18.09
C PHE D 66 6.85 -13.10 19.37
N ILE D 67 7.49 -14.25 19.57
CA ILE D 67 8.42 -14.45 20.67
C ILE D 67 9.77 -14.93 20.13
N ILE D 68 10.82 -14.17 20.45
CA ILE D 68 12.18 -14.53 20.05
C ILE D 68 12.96 -15.09 21.25
N SER D 69 13.63 -16.23 21.04
CA SER D 69 14.41 -16.89 22.10
C SER D 69 15.66 -17.60 21.57
N ARG D 70 16.69 -17.67 22.40
CA ARG D 70 17.82 -18.55 22.18
C ARG D 70 17.37 -19.99 22.45
N ALA D 71 17.35 -20.83 21.42
CA ALA D 71 16.87 -22.22 21.59
C ALA D 71 18.02 -23.16 21.93
N SER D 72 19.23 -22.81 21.51
CA SER D 72 20.45 -23.57 21.80
C SER D 72 21.67 -22.71 21.46
N SER D 73 22.86 -23.27 21.63
CA SER D 73 24.10 -22.54 21.30
C SER D 73 24.19 -22.17 19.83
N THR D 74 23.43 -22.86 18.98
CA THR D 74 23.52 -22.68 17.53
C THR D 74 22.20 -22.24 16.89
N THR D 75 21.15 -22.08 17.69
CA THR D 75 19.83 -21.77 17.14
C THR D 75 19.07 -20.64 17.85
N VAL D 76 18.39 -19.82 17.05
CA VAL D 76 17.46 -18.81 17.57
C VAL D 76 16.07 -19.11 17.02
N ASP D 77 15.08 -19.20 17.91
CA ASP D 77 13.70 -19.46 17.53
C ASP D 77 12.89 -18.17 17.36
N LEU D 78 11.94 -18.21 16.43
CA LEU D 78 10.89 -17.20 16.32
C LEU D 78 9.55 -17.92 16.40
N LYS D 79 8.83 -17.69 17.50
CA LYS D 79 7.49 -18.27 17.68
C LYS D 79 6.41 -17.26 17.29
N VAL D 80 5.57 -17.67 16.34
CA VAL D 80 4.39 -16.91 15.97
C VAL D 80 3.28 -17.46 16.84
N THR D 81 2.81 -16.66 17.79
CA THR D 81 1.98 -17.17 18.90
C THR D 81 0.56 -17.58 18.47
N SER D 82 -0.03 -16.81 17.58
CA SER D 82 -1.38 -17.11 17.06
C SER D 82 -1.50 -16.48 15.67
N PRO D 83 -0.99 -17.18 14.64
CA PRO D 83 -0.83 -16.62 13.29
C PRO D 83 -2.14 -16.13 12.65
N THR D 84 -2.05 -14.97 11.99
CA THR D 84 -3.12 -14.44 11.15
C THR D 84 -2.73 -14.74 9.69
N THR D 85 -3.71 -14.73 8.79
CA THR D 85 -3.41 -14.88 7.36
C THR D 85 -2.45 -13.79 6.86
N GLU D 86 -2.45 -12.63 7.53
CA GLU D 86 -1.54 -11.52 7.23
C GLU D 86 -0.06 -11.83 7.56
N ASP D 87 0.20 -12.98 8.19
CA ASP D 87 1.58 -13.39 8.53
C ASP D 87 2.23 -14.22 7.43
N THR D 88 1.49 -14.46 6.34
CA THR D 88 2.05 -15.12 5.16
C THR D 88 3.16 -14.23 4.59
N ALA D 89 4.38 -14.76 4.60
CA ALA D 89 5.58 -14.05 4.17
C ALA D 89 6.78 -15.01 4.18
N THR D 90 7.87 -14.56 3.58
CA THR D 90 9.18 -15.18 3.77
C THR D 90 9.83 -14.54 5.00
N TYR D 91 10.37 -15.38 5.88
CA TYR D 91 11.00 -14.93 7.11
C TYR D 91 12.50 -15.14 7.01
N PHE D 92 13.25 -14.04 7.17
CA PHE D 92 14.71 -14.08 7.10
C PHE D 92 15.28 -13.92 8.48
N CYS D 93 16.37 -14.61 8.73
CA CYS D 93 17.18 -14.30 9.88
C CYS D 93 18.48 -13.66 9.40
N ALA D 94 18.95 -12.66 10.14
CA ALA D 94 20.12 -11.89 9.74
C ALA D 94 21.04 -11.73 10.93
N ARG D 95 22.31 -11.97 10.69
CA ARG D 95 23.36 -11.69 11.66
C ARG D 95 23.78 -10.24 11.49
N GLY D 96 23.49 -9.42 12.50
CA GLY D 96 23.59 -7.97 12.36
C GLY D 96 22.53 -7.41 11.41
N LEU D 97 22.55 -6.09 11.22
CA LEU D 97 21.66 -5.45 10.24
C LEU D 97 22.35 -4.32 9.52
N TYR D 98 23.42 -3.80 10.11
CA TYR D 98 24.07 -2.63 9.54
C TYR D 98 25.58 -2.71 9.70
N ASN D 99 26.11 -3.92 9.54
CA ASN D 99 27.52 -4.19 9.82
C ASN D 99 28.21 -4.86 8.62
N ASP D 100 29.55 -4.84 8.64
CA ASP D 100 30.33 -5.50 7.58
C ASP D 100 30.14 -7.03 7.61
N TYR D 101 29.99 -7.55 8.83
CA TYR D 101 29.77 -8.98 9.03
C TYR D 101 28.32 -9.42 8.73
N THR D 102 27.46 -8.49 8.34
CA THR D 102 26.05 -8.78 8.14
C THR D 102 25.80 -9.75 6.99
N VAL D 103 25.11 -10.84 7.31
CA VAL D 103 24.65 -11.79 6.30
C VAL D 103 23.25 -12.32 6.67
N TRP D 104 22.41 -12.49 5.65
CA TRP D 104 21.05 -12.99 5.81
C TRP D 104 20.98 -14.41 5.25
N GLY D 105 20.06 -15.21 5.77
CA GLY D 105 19.83 -16.54 5.23
C GLY D 105 18.95 -16.43 4.00
N PRO D 106 18.73 -17.56 3.30
CA PRO D 106 17.90 -17.51 2.09
C PRO D 106 16.40 -17.31 2.34
N GLY D 107 15.98 -17.43 3.59
CA GLY D 107 14.58 -17.23 3.98
C GLY D 107 13.79 -18.52 4.05
N THR D 108 12.77 -18.54 4.90
CA THR D 108 11.84 -19.68 4.97
C THR D 108 10.42 -19.16 4.78
N LEU D 109 9.66 -19.85 3.92
CA LEU D 109 8.34 -19.38 3.51
C LEU D 109 7.22 -19.92 4.40
N VAL D 110 6.44 -19.00 4.95
CA VAL D 110 5.33 -19.32 5.84
C VAL D 110 4.03 -18.97 5.14
N THR D 111 3.08 -19.92 5.17
CA THR D 111 1.75 -19.70 4.62
C THR D 111 0.71 -19.90 5.72
N VAL D 112 -0.14 -18.91 5.93
CA VAL D 112 -1.22 -19.05 6.91
C VAL D 112 -2.55 -19.02 6.16
N SER D 113 -3.23 -20.16 6.16
CA SER D 113 -4.42 -20.36 5.33
C SER D 113 -5.21 -21.57 5.80
N SER D 114 -6.51 -21.55 5.52
CA SER D 114 -7.38 -22.68 5.88
C SER D 114 -7.41 -23.73 4.77
N ALA D 115 -6.80 -23.41 3.62
CA ALA D 115 -6.79 -24.31 2.46
C ALA D 115 -5.84 -25.51 2.65
N SER D 116 -6.27 -26.67 2.13
CA SER D 116 -5.53 -27.93 2.28
C SER D 116 -4.31 -28.04 1.37
N THR D 117 -3.32 -28.80 1.82
CA THR D 117 -2.15 -29.13 1.02
C THR D 117 -2.54 -29.99 -0.19
N LYS D 118 -2.06 -29.60 -1.37
CA LYS D 118 -2.26 -30.41 -2.57
C LYS D 118 -0.96 -30.57 -3.36
N GLY D 119 -0.69 -31.79 -3.77
CA GLY D 119 0.48 -32.11 -4.59
C GLY D 119 0.23 -31.79 -6.05
N PRO D 120 1.26 -31.27 -6.74
CA PRO D 120 1.12 -30.92 -8.15
C PRO D 120 1.19 -32.12 -9.08
N SER D 121 0.63 -31.96 -10.27
CA SER D 121 0.92 -32.86 -11.38
C SER D 121 2.03 -32.23 -12.22
N VAL D 122 2.93 -33.07 -12.74
CA VAL D 122 4.04 -32.59 -13.54
C VAL D 122 3.92 -33.11 -14.98
N PHE D 123 3.82 -32.18 -15.92
CA PHE D 123 3.60 -32.52 -17.32
C PHE D 123 4.72 -31.97 -18.19
N PRO D 124 5.12 -32.75 -19.22
CA PRO D 124 6.15 -32.25 -20.11
C PRO D 124 5.61 -31.20 -21.09
N LEU D 125 6.44 -30.22 -21.42
CA LEU D 125 6.17 -29.33 -22.54
C LEU D 125 7.15 -29.75 -23.61
N ALA D 126 6.67 -30.61 -24.51
CA ALA D 126 7.54 -31.31 -25.46
C ALA D 126 8.02 -30.39 -26.58
N PRO D 127 9.32 -30.50 -26.94
CA PRO D 127 9.80 -29.74 -28.08
C PRO D 127 9.30 -30.36 -29.38
N SER D 128 8.87 -29.52 -30.32
CA SER D 128 8.50 -29.96 -31.66
C SER D 128 8.96 -28.91 -32.67
N SER D 129 8.28 -28.82 -33.81
CA SER D 129 8.54 -27.73 -34.77
C SER D 129 7.88 -26.43 -34.30
N LYS D 130 6.80 -26.55 -33.52
CA LYS D 130 6.04 -25.40 -33.02
C LYS D 130 6.68 -24.74 -31.79
N SER D 131 7.70 -25.39 -31.24
CA SER D 131 8.59 -24.75 -30.28
C SER D 131 10.02 -24.69 -30.85
N THR D 132 10.09 -24.30 -32.12
CA THR D 132 11.36 -24.03 -32.80
C THR D 132 11.30 -22.62 -33.40
N SER D 133 12.32 -21.81 -33.11
CA SER D 133 12.35 -20.41 -33.54
C SER D 133 13.77 -20.00 -33.95
N GLY D 134 14.28 -20.63 -35.01
CA GLY D 134 15.58 -20.29 -35.58
C GLY D 134 16.77 -20.99 -34.93
N GLY D 135 16.86 -22.31 -35.13
CA GLY D 135 17.98 -23.12 -34.63
C GLY D 135 17.94 -23.41 -33.14
N THR D 136 17.04 -22.72 -32.45
CA THR D 136 16.85 -22.89 -31.02
C THR D 136 15.50 -23.57 -30.80
N ALA D 137 15.51 -24.63 -29.99
CA ALA D 137 14.29 -25.30 -29.58
C ALA D 137 14.01 -25.02 -28.10
N ALA D 138 12.74 -24.90 -27.75
CA ALA D 138 12.37 -24.74 -26.36
C ALA D 138 11.61 -25.97 -25.87
N LEU D 139 11.88 -26.36 -24.63
CA LEU D 139 11.16 -27.44 -23.98
C LEU D 139 10.95 -27.04 -22.52
N GLY D 140 10.14 -27.80 -21.80
CA GLY D 140 9.86 -27.45 -20.42
C GLY D 140 9.00 -28.42 -19.65
N CYS D 141 8.56 -27.96 -18.48
CA CYS D 141 7.71 -28.74 -17.58
C CYS D 141 6.65 -27.84 -16.99
N LEU D 142 5.43 -28.35 -16.94
CA LEU D 142 4.30 -27.66 -16.34
C LEU D 142 4.01 -28.30 -14.99
N VAL D 143 4.06 -27.50 -13.94
CA VAL D 143 3.78 -27.95 -12.58
C VAL D 143 2.44 -27.35 -12.17
N LYS D 144 1.40 -28.19 -12.17
CA LYS D 144 0.02 -27.70 -12.09
C LYS D 144 -0.74 -28.12 -10.83
N ASP D 145 -1.50 -27.17 -10.29
CA ASP D 145 -2.50 -27.41 -9.23
C ASP D 145 -1.89 -27.84 -7.89
N TYR D 146 -1.08 -26.95 -7.30
CA TYR D 146 -0.49 -27.23 -5.99
C TYR D 146 -0.74 -26.14 -4.96
N PHE D 147 -0.66 -26.54 -3.69
CA PHE D 147 -0.76 -25.63 -2.56
C PHE D 147 -0.06 -26.29 -1.37
N PRO D 148 0.69 -25.51 -0.57
CA PRO D 148 1.04 -24.10 -0.77
C PRO D 148 2.28 -23.95 -1.64
N GLU D 149 2.76 -22.72 -1.79
CA GLU D 149 4.10 -22.50 -2.34
C GLU D 149 5.10 -23.03 -1.31
N PRO D 150 6.35 -23.30 -1.71
CA PRO D 150 6.91 -23.17 -3.05
C PRO D 150 7.17 -24.53 -3.69
N VAL D 151 7.50 -24.51 -4.98
CA VAL D 151 8.10 -25.67 -5.63
C VAL D 151 9.49 -25.27 -6.11
N THR D 152 10.42 -26.23 -6.11
CA THR D 152 11.70 -26.03 -6.78
C THR D 152 11.70 -26.83 -8.09
N VAL D 153 12.33 -26.26 -9.11
CA VAL D 153 12.54 -26.95 -10.38
C VAL D 153 13.98 -26.77 -10.77
N SER D 154 14.64 -27.88 -11.10
CA SER D 154 15.97 -27.83 -11.67
C SER D 154 15.97 -28.68 -12.94
N TRP D 155 17.02 -28.55 -13.73
CA TRP D 155 17.15 -29.31 -14.96
C TRP D 155 18.41 -30.14 -14.93
N ASN D 156 18.26 -31.42 -15.28
CA ASN D 156 19.35 -32.39 -15.27
C ASN D 156 20.12 -32.42 -13.94
N SER D 157 19.37 -32.38 -12.83
CA SER D 157 19.93 -32.39 -11.47
C SER D 157 20.82 -31.18 -11.18
N GLY D 158 20.50 -30.06 -11.82
CA GLY D 158 21.24 -28.80 -11.64
C GLY D 158 22.47 -28.67 -12.51
N ALA D 159 22.67 -29.64 -13.41
CA ALA D 159 23.78 -29.58 -14.36
C ALA D 159 23.51 -28.66 -15.55
N LEU D 160 22.26 -28.22 -15.68
CA LEU D 160 21.87 -27.31 -16.76
C LEU D 160 21.18 -26.07 -16.19
N THR D 161 21.80 -24.91 -16.38
CA THR D 161 21.24 -23.63 -15.91
C THR D 161 21.07 -22.57 -17.03
N SER D 162 21.83 -22.70 -18.11
CA SER D 162 21.79 -21.69 -19.16
C SER D 162 20.55 -21.84 -20.04
N GLY D 163 19.93 -20.70 -20.36
CA GLY D 163 18.69 -20.69 -21.13
C GLY D 163 17.48 -21.21 -20.36
N VAL D 164 17.62 -21.35 -19.05
CA VAL D 164 16.52 -21.81 -18.20
C VAL D 164 15.72 -20.61 -17.70
N HIS D 165 14.40 -20.67 -17.85
CA HIS D 165 13.51 -19.69 -17.24
C HIS D 165 12.47 -20.43 -16.44
N THR D 166 12.47 -20.21 -15.12
CA THR D 166 11.42 -20.73 -14.25
C THR D 166 10.55 -19.56 -13.83
N PHE D 167 9.27 -19.62 -14.20
CA PHE D 167 8.38 -18.49 -14.05
C PHE D 167 7.78 -18.39 -12.65
N PRO D 168 7.44 -17.16 -12.19
CA PRO D 168 6.67 -17.03 -10.96
C PRO D 168 5.39 -17.87 -11.03
N ALA D 169 5.00 -18.45 -9.90
CA ALA D 169 3.76 -19.22 -9.87
C ALA D 169 2.58 -18.27 -10.01
N VAL D 170 1.49 -18.76 -10.61
CA VAL D 170 0.24 -18.02 -10.63
C VAL D 170 -0.80 -18.72 -9.75
N LEU D 171 -1.58 -17.93 -9.02
CA LEU D 171 -2.67 -18.46 -8.21
C LEU D 171 -3.95 -18.51 -9.06
N GLN D 172 -4.43 -19.72 -9.31
CA GLN D 172 -5.64 -19.91 -10.12
C GLN D 172 -6.91 -19.63 -9.30
N SER D 173 -8.04 -19.52 -10.00
CA SER D 173 -9.34 -19.26 -9.37
C SER D 173 -9.81 -20.39 -8.47
N SER D 174 -9.22 -21.57 -8.63
CA SER D 174 -9.51 -22.73 -7.80
C SER D 174 -8.77 -22.69 -6.46
N GLY D 175 -7.94 -21.67 -6.28
CA GLY D 175 -7.12 -21.52 -5.08
C GLY D 175 -5.88 -22.40 -5.09
N LEU D 176 -5.44 -22.78 -6.30
CA LEU D 176 -4.25 -23.62 -6.46
C LEU D 176 -3.24 -22.94 -7.37
N TYR D 177 -1.95 -23.15 -7.09
CA TYR D 177 -0.89 -22.53 -7.87
C TYR D 177 -0.52 -23.37 -9.08
N SER D 178 0.05 -22.72 -10.08
CA SER D 178 0.62 -23.39 -11.23
C SER D 178 1.84 -22.62 -11.68
N LEU D 179 2.88 -23.33 -12.10
CA LEU D 179 4.02 -22.67 -12.73
C LEU D 179 4.67 -23.50 -13.83
N SER D 180 5.42 -22.81 -14.69
CA SER D 180 6.17 -23.48 -15.74
C SER D 180 7.66 -23.18 -15.65
N SER D 181 8.46 -24.16 -16.03
CA SER D 181 9.89 -23.96 -16.21
C SER D 181 10.25 -24.36 -17.64
N VAL D 182 10.97 -23.49 -18.33
CA VAL D 182 11.37 -23.77 -19.71
C VAL D 182 12.87 -23.64 -19.88
N VAL D 183 13.39 -24.28 -20.92
CA VAL D 183 14.79 -24.14 -21.29
C VAL D 183 14.90 -24.09 -22.81
N THR D 184 15.71 -23.15 -23.30
CA THR D 184 16.01 -23.06 -24.71
C THR D 184 17.33 -23.78 -24.96
N VAL D 185 17.35 -24.65 -25.96
CA VAL D 185 18.52 -25.48 -26.26
C VAL D 185 18.80 -25.49 -27.76
N PRO D 186 20.03 -25.88 -28.16
CA PRO D 186 20.28 -26.09 -29.60
C PRO D 186 19.38 -27.19 -30.17
N SER D 187 18.71 -26.88 -31.28
CA SER D 187 17.82 -27.82 -31.96
C SER D 187 18.52 -29.13 -32.31
N SER D 188 19.79 -29.03 -32.70
CA SER D 188 20.60 -30.20 -33.10
C SER D 188 20.87 -31.20 -31.97
N SER D 189 20.72 -30.75 -30.72
CA SER D 189 20.99 -31.60 -29.56
C SER D 189 19.79 -32.43 -29.12
N LEU D 190 18.63 -32.21 -29.76
CA LEU D 190 17.39 -32.89 -29.37
C LEU D 190 17.41 -34.40 -29.59
N GLY D 191 18.16 -34.85 -30.58
CA GLY D 191 18.29 -36.28 -30.87
C GLY D 191 19.29 -37.01 -29.99
N THR D 192 20.16 -36.27 -29.30
CA THR D 192 21.28 -36.86 -28.57
C THR D 192 21.28 -36.58 -27.06
N GLN D 193 20.92 -35.36 -26.67
CA GLN D 193 20.98 -34.95 -25.27
C GLN D 193 19.66 -35.19 -24.51
N THR D 194 19.75 -35.78 -23.33
CA THR D 194 18.59 -36.04 -22.48
C THR D 194 18.29 -34.84 -21.59
N TYR D 195 17.01 -34.46 -21.52
CA TYR D 195 16.56 -33.37 -20.66
C TYR D 195 15.51 -33.82 -19.65
N ILE D 196 15.83 -33.64 -18.37
CA ILE D 196 14.98 -34.06 -17.25
C ILE D 196 14.74 -32.88 -16.31
N CYS D 197 13.47 -32.57 -16.05
CA CYS D 197 13.14 -31.55 -15.05
C CYS D 197 12.92 -32.22 -13.70
N ASN D 198 13.59 -31.68 -12.67
CA ASN D 198 13.49 -32.24 -11.33
C ASN D 198 12.63 -31.32 -10.49
N VAL D 199 11.44 -31.81 -10.15
CA VAL D 199 10.44 -31.01 -9.45
C VAL D 199 10.32 -31.51 -8.02
N ASN D 200 10.33 -30.58 -7.08
CA ASN D 200 10.14 -30.88 -5.67
C ASN D 200 9.11 -29.96 -5.01
N HIS D 201 8.01 -30.56 -4.52
CA HIS D 201 7.06 -29.84 -3.67
C HIS D 201 7.02 -30.54 -2.33
N LYS D 202 7.86 -30.05 -1.41
CA LYS D 202 8.08 -30.67 -0.10
C LYS D 202 6.85 -30.72 0.82
N PRO D 203 5.98 -29.68 0.81
CA PRO D 203 4.77 -29.72 1.64
C PRO D 203 3.93 -30.99 1.42
N SER D 204 3.88 -31.47 0.19
CA SER D 204 3.13 -32.68 -0.15
C SER D 204 4.04 -33.89 -0.38
N ASN D 205 5.33 -33.72 -0.06
CA ASN D 205 6.37 -34.73 -0.31
C ASN D 205 6.35 -35.28 -1.75
N THR D 206 6.05 -34.39 -2.71
CA THR D 206 6.07 -34.75 -4.12
C THR D 206 7.44 -34.49 -4.70
N LYS D 207 8.03 -35.53 -5.28
CA LYS D 207 9.32 -35.42 -5.94
C LYS D 207 9.24 -36.17 -7.28
N VAL D 208 9.35 -35.42 -8.37
CA VAL D 208 9.18 -35.96 -9.72
C VAL D 208 10.39 -35.61 -10.60
N ASP D 209 10.93 -36.62 -11.27
CA ASP D 209 11.97 -36.45 -12.27
C ASP D 209 11.41 -36.86 -13.62
N LYS D 210 10.99 -35.87 -14.41
CA LYS D 210 10.26 -36.08 -15.65
C LYS D 210 11.17 -35.85 -16.85
N LYS D 211 11.40 -36.91 -17.62
CA LYS D 211 12.14 -36.81 -18.86
C LYS D 211 11.28 -36.11 -19.92
N VAL D 212 11.83 -35.10 -20.57
CA VAL D 212 11.11 -34.37 -21.61
C VAL D 212 11.70 -34.71 -22.97
N GLU D 213 10.94 -35.44 -23.78
CA GLU D 213 11.42 -35.85 -25.11
C GLU D 213 10.56 -35.29 -26.24
N PRO D 214 11.16 -35.11 -27.44
CA PRO D 214 10.44 -34.59 -28.61
C PRO D 214 9.22 -35.45 -28.99
N LYS D 215 8.28 -34.81 -29.69
CA LYS D 215 7.09 -35.46 -30.23
C LYS D 215 6.38 -36.61 -29.53
C ACT E . -12.42 -2.72 28.25
O ACT E . -13.33 -2.25 27.50
OXT ACT E . -11.26 -2.22 28.17
CH3 ACT E . -12.70 -3.82 29.22
S SO4 F . -33.25 4.11 5.74
O1 SO4 F . -34.38 4.82 5.15
O2 SO4 F . -33.72 3.28 6.86
O3 SO4 F . -32.66 3.25 4.72
O4 SO4 F . -32.25 5.07 6.21
S SO4 G . -17.15 -2.83 26.53
O1 SO4 G . -18.15 -2.10 25.70
O2 SO4 G . -17.84 -3.41 27.70
O3 SO4 G . -16.08 -1.96 27.01
O4 SO4 G . -16.56 -3.92 25.74
S SO4 H . -23.55 5.84 37.41
O1 SO4 H . -24.85 5.72 36.73
O2 SO4 H . -23.47 7.14 38.06
O3 SO4 H . -23.43 4.78 38.42
O4 SO4 H . -22.47 5.71 36.43
S SO4 I . 32.42 -3.75 -10.55
O1 SO4 I . 31.59 -2.56 -10.79
O2 SO4 I . 31.56 -4.88 -10.22
O3 SO4 I . 33.33 -3.50 -9.43
O4 SO4 I . 33.22 -4.05 -11.74
S SO4 J . 22.35 -6.88 24.02
O1 SO4 J . 21.37 -6.16 23.19
O2 SO4 J . 22.43 -6.24 25.34
O3 SO4 J . 21.95 -8.27 24.19
O4 SO4 J . 23.67 -6.81 23.38
#